data_3T96
#
_entry.id   3T96
#
_cell.length_a   47.793
_cell.length_b   114.351
_cell.length_c   163.547
_cell.angle_alpha   90.00
_cell.angle_beta   90.00
_cell.angle_gamma   90.00
#
_symmetry.space_group_name_H-M   'P 2 21 21'
#
loop_
_entity.id
_entity.type
_entity.pdbx_description
1 polymer 'Glutamate receptor 2'
2 non-polymer '2-AMINO-3-(5-IODO-2,4-DIOXO-3,4-DIHYDRO-2H-PYRIMIDIN-1-YL)-PROPIONIC ACID'
3 non-polymer 'ZINC ION'
4 water water
#
_entity_poly.entity_id   1
_entity_poly.type   'polypeptide(L)'
_entity_poly.pdbx_seq_one_letter_code
;KTVVVTTILESPYVMMKKNHEMLEGNERYEGYCVDLAAEIAKHCGFKYKLTIVGDGKYGCRDADTKIWNGMVGELVYGKA
DIAIAPLTITLVREEVIDFSKPFMSLGISIMIKKGTPIESAEDLSKQTEIAYGTLDCGSTKEFFRRSKIAVFDKMWTYMR
SAEPSVFVRTTAEGVARVRKSKGKYAYLLESTMNEYIEQRKPCDTMKVGGNLDSKGYGIATPKGSSLGNAVNLAVLKLNE
QGLLDKLKNKWWYDKGEC
;
_entity_poly.pdbx_strand_id   B,D,F
#
loop_
_chem_comp.id
_chem_comp.type
_chem_comp.name
_chem_comp.formula
IWD non-polymer '2-AMINO-3-(5-IODO-2,4-DIOXO-3,4-DIHYDRO-2H-PYRIMIDIN-1-YL)-PROPIONIC ACID' 'C7 H8 I N3 O4'
ZN non-polymer 'ZINC ION' 'Zn 2'
#
# COMPACT_ATOMS: atom_id res chain seq x y z
N LYS A 1 6.85 -10.07 20.73
CA LYS A 1 5.89 -9.02 20.44
C LYS A 1 6.30 -8.21 19.21
N THR A 2 7.48 -7.61 19.27
CA THR A 2 7.95 -6.82 18.12
C THR A 2 8.30 -7.75 16.96
N VAL A 3 7.68 -7.49 15.80
CA VAL A 3 7.87 -8.32 14.62
C VAL A 3 9.19 -7.95 13.92
N VAL A 4 10.04 -8.95 13.68
CA VAL A 4 11.32 -8.70 13.03
C VAL A 4 11.15 -8.80 11.52
N VAL A 5 11.43 -7.69 10.82
CA VAL A 5 11.25 -7.63 9.38
C VAL A 5 12.60 -7.73 8.70
N THR A 6 12.77 -8.70 7.81
CA THR A 6 14.00 -8.76 7.05
C THR A 6 13.77 -8.07 5.71
N THR A 7 14.74 -7.27 5.29
CA THR A 7 14.63 -6.60 4.01
C THR A 7 16.03 -6.45 3.42
N ILE A 8 16.14 -5.81 2.26
CA ILE A 8 17.42 -5.74 1.55
C ILE A 8 17.68 -4.30 1.09
N LEU A 9 18.93 -3.84 1.18
CA LEU A 9 19.31 -2.52 0.69
C LEU A 9 19.36 -2.50 -0.83
N GLU A 10 18.27 -2.02 -1.42
CA GLU A 10 18.05 -2.04 -2.86
C GLU A 10 17.24 -0.78 -3.16
N SER A 11 17.84 0.21 -3.82
CA SER A 11 17.15 1.44 -4.17
C SER A 11 16.16 1.14 -5.29
N PRO A 12 14.94 1.69 -5.22
CA PRO A 12 14.45 2.63 -4.21
C PRO A 12 13.56 1.97 -3.16
N TYR A 13 13.67 0.65 -3.00
CA TYR A 13 12.85 -0.05 -2.03
C TYR A 13 13.26 0.25 -0.60
N VAL A 14 14.56 0.12 -0.33
CA VAL A 14 15.12 0.45 0.99
C VAL A 14 16.46 1.15 0.82
N MET A 15 16.58 2.35 1.38
CA MET A 15 17.82 3.12 1.27
C MET A 15 18.18 3.75 2.61
N MET A 16 19.47 3.94 2.86
CA MET A 16 19.87 4.70 4.03
C MET A 16 19.50 6.17 3.83
N LYS A 17 18.83 6.76 4.82
CA LYS A 17 18.56 8.20 4.80
C LYS A 17 19.87 8.99 4.86
N LYS A 18 19.89 10.14 4.20
CA LYS A 18 21.09 10.97 4.12
C LYS A 18 21.78 11.18 5.47
N ASN A 19 21.00 11.32 6.54
CA ASN A 19 21.54 11.59 7.87
C ASN A 19 21.34 10.44 8.83
N HIS A 20 21.37 9.21 8.30
CA HIS A 20 21.01 8.04 9.08
C HIS A 20 21.86 7.88 10.35
N GLU A 21 23.11 8.35 10.32
CA GLU A 21 24.00 8.24 11.47
C GLU A 21 23.45 8.97 12.70
N MET A 22 22.58 9.95 12.45
CA MET A 22 21.95 10.75 13.50
C MET A 22 20.60 10.19 13.93
N LEU A 23 20.16 9.11 13.29
CA LEU A 23 18.84 8.56 13.54
C LEU A 23 18.91 7.18 14.16
N GLU A 24 17.76 6.66 14.58
CA GLU A 24 17.75 5.38 15.27
C GLU A 24 16.66 4.47 14.78
N GLY A 25 16.93 3.17 14.86
CA GLY A 25 15.91 2.18 14.57
C GLY A 25 15.34 2.31 13.17
N ASN A 26 14.02 2.26 13.06
CA ASN A 26 13.38 2.28 11.74
C ASN A 26 13.58 3.58 10.99
N GLU A 27 13.82 4.66 11.72
CA GLU A 27 13.96 5.98 11.11
C GLU A 27 15.26 6.15 10.31
N ARG A 28 16.14 5.15 10.36
CA ARG A 28 17.38 5.23 9.57
C ARG A 28 17.14 5.03 8.07
N TYR A 29 15.99 4.46 7.72
CA TYR A 29 15.76 4.01 6.34
C TYR A 29 14.60 4.74 5.68
N GLU A 30 14.61 4.77 4.35
CA GLU A 30 13.48 5.29 3.57
C GLU A 30 13.32 4.49 2.27
N GLY A 31 12.14 4.59 1.66
CA GLY A 31 11.92 3.98 0.36
C GLY A 31 10.58 3.30 0.25
N TYR A 32 10.32 2.73 -0.93
CA TYR A 32 9.07 2.06 -1.21
C TYR A 32 8.70 1.01 -0.15
N CYS A 33 9.65 0.14 0.17
CA CYS A 33 9.34 -0.96 1.08
C CYS A 33 9.32 -0.50 2.54
N VAL A 34 10.05 0.56 2.84
CA VAL A 34 9.94 1.20 4.14
C VAL A 34 8.54 1.77 4.35
N ASP A 35 8.00 2.44 3.33
CA ASP A 35 6.65 2.99 3.39
C ASP A 35 5.64 1.86 3.46
N LEU A 36 5.84 0.82 2.67
CA LEU A 36 4.92 -0.30 2.67
C LEU A 36 4.93 -1.05 4.00
N ALA A 37 6.10 -1.20 4.62
CA ALA A 37 6.21 -1.89 5.90
C ALA A 37 5.43 -1.14 6.98
N ALA A 38 5.56 0.18 6.99
CA ALA A 38 4.85 1.01 7.95
C ALA A 38 3.34 0.84 7.83
N GLU A 39 2.86 0.73 6.60
CA GLU A 39 1.43 0.59 6.33
C GLU A 39 0.90 -0.80 6.67
N ILE A 40 1.64 -1.84 6.31
CA ILE A 40 1.25 -3.19 6.69
C ILE A 40 1.17 -3.31 8.21
N ALA A 41 2.18 -2.81 8.90
CA ALA A 41 2.19 -2.89 10.37
C ALA A 41 1.00 -2.13 10.98
N LYS A 42 0.73 -0.92 10.49
CA LYS A 42 -0.44 -0.13 10.92
C LYS A 42 -1.76 -0.89 10.76
N HIS A 43 -1.95 -1.49 9.59
CA HIS A 43 -3.22 -2.16 9.29
C HIS A 43 -3.40 -3.49 10.02
N CYS A 44 -2.29 -4.21 10.23
CA CYS A 44 -2.33 -5.48 10.96
C CYS A 44 -2.18 -5.24 12.47
N GLY A 45 -1.83 -4.02 12.86
CA GLY A 45 -1.67 -3.66 14.26
C GLY A 45 -0.51 -4.32 14.99
N PHE A 46 0.68 -4.30 14.40
CA PHE A 46 1.86 -4.80 15.10
C PHE A 46 3.01 -3.81 15.09
N LYS A 47 3.88 -3.91 16.10
CA LYS A 47 5.13 -3.16 16.15
C LYS A 47 6.20 -3.99 15.46
N TYR A 48 7.20 -3.32 14.90
CA TYR A 48 8.16 -4.01 14.05
C TYR A 48 9.53 -3.35 14.07
N LYS A 49 10.52 -4.14 13.70
CA LYS A 49 11.89 -3.68 13.62
C LYS A 49 12.44 -4.03 12.24
N LEU A 50 12.88 -3.05 11.47
CA LEU A 50 13.49 -3.36 10.17
C LEU A 50 14.93 -3.79 10.36
N THR A 51 15.31 -4.88 9.71
CA THR A 51 16.67 -5.39 9.78
C THR A 51 17.12 -5.74 8.37
N ILE A 52 18.34 -5.37 8.03
CA ILE A 52 18.88 -5.67 6.71
C ILE A 52 19.47 -7.08 6.67
N VAL A 53 19.10 -7.85 5.65
CA VAL A 53 19.57 -9.23 5.54
C VAL A 53 21.11 -9.27 5.61
N GLY A 54 21.64 -10.12 6.49
CA GLY A 54 23.06 -10.14 6.80
C GLY A 54 23.96 -10.40 5.62
N ASP A 55 23.57 -11.32 4.75
CA ASP A 55 24.40 -11.67 3.61
C ASP A 55 24.08 -10.87 2.35
N GLY A 56 23.10 -9.99 2.43
CA GLY A 56 22.77 -9.13 1.31
C GLY A 56 22.19 -9.84 0.11
N LYS A 57 21.63 -11.03 0.33
CA LYS A 57 21.07 -11.82 -0.77
C LYS A 57 19.56 -11.98 -0.68
N TYR A 58 18.92 -12.19 -1.83
CA TYR A 58 17.49 -12.49 -1.88
C TYR A 58 17.21 -13.91 -1.38
N GLY A 59 17.91 -14.87 -1.95
CA GLY A 59 17.79 -16.23 -1.45
C GLY A 59 17.88 -17.27 -2.53
N CYS A 60 18.78 -18.24 -2.31
CA CYS A 60 18.85 -19.42 -3.16
C CYS A 60 19.23 -20.61 -2.26
N ARG A 61 19.04 -21.82 -2.74
CA ARG A 61 19.38 -22.99 -1.93
C ARG A 61 20.65 -23.64 -2.45
N ASP A 62 21.64 -23.78 -1.58
CA ASP A 62 22.90 -24.41 -1.97
C ASP A 62 22.65 -25.86 -2.39
N ALA A 63 23.14 -26.22 -3.58
CA ALA A 63 22.83 -27.52 -4.17
C ALA A 63 23.25 -28.72 -3.31
N ASP A 64 24.38 -28.58 -2.61
CA ASP A 64 24.92 -29.67 -1.81
C ASP A 64 24.45 -29.62 -0.35
N THR A 65 24.64 -28.46 0.27
CA THR A 65 24.30 -28.28 1.68
C THR A 65 22.79 -28.18 1.86
N LYS A 66 22.09 -27.79 0.80
CA LYS A 66 20.62 -27.66 0.81
C LYS A 66 20.14 -26.54 1.74
N ILE A 67 21.09 -25.74 2.24
CA ILE A 67 20.76 -24.65 3.14
C ILE A 67 20.32 -23.40 2.36
N TRP A 68 19.17 -22.84 2.75
CA TRP A 68 18.68 -21.59 2.16
C TRP A 68 19.45 -20.40 2.73
N ASN A 69 19.83 -19.47 1.86
CA ASN A 69 20.51 -18.26 2.31
C ASN A 69 19.61 -17.05 2.05
N GLY A 70 20.13 -15.85 2.33
CA GLY A 70 19.41 -14.62 2.05
C GLY A 70 18.18 -14.41 2.90
N MET A 71 17.26 -13.61 2.41
CA MET A 71 16.03 -13.33 3.14
C MET A 71 15.19 -14.60 3.34
N VAL A 72 15.14 -15.46 2.33
CA VAL A 72 14.40 -16.71 2.46
C VAL A 72 14.95 -17.51 3.63
N GLY A 73 16.27 -17.66 3.68
CA GLY A 73 16.92 -18.31 4.81
C GLY A 73 16.58 -17.70 6.17
N GLU A 74 16.53 -16.37 6.28
CA GLU A 74 16.18 -15.76 7.56
C GLU A 74 14.80 -16.22 8.05
N LEU A 75 13.86 -16.40 7.13
CA LEU A 75 12.51 -16.85 7.49
C LEU A 75 12.49 -18.37 7.76
N VAL A 76 13.15 -19.13 6.91
CA VAL A 76 13.21 -20.60 7.07
C VAL A 76 13.81 -20.99 8.44
N TYR A 77 14.90 -20.33 8.83
CA TYR A 77 15.58 -20.68 10.07
C TYR A 77 15.10 -19.89 11.29
N GLY A 78 14.10 -19.04 11.11
CA GLY A 78 13.44 -18.37 12.22
C GLY A 78 14.13 -17.12 12.73
N LYS A 79 15.03 -16.54 11.93
CA LYS A 79 15.73 -15.33 12.32
C LYS A 79 14.90 -14.07 12.08
N ALA A 80 13.92 -14.17 11.19
CA ALA A 80 13.00 -13.07 10.93
C ALA A 80 11.55 -13.58 10.88
N ASP A 81 10.59 -12.70 11.17
CA ASP A 81 9.18 -13.05 11.20
C ASP A 81 8.46 -12.73 9.87
N ILE A 82 9.02 -11.82 9.10
CA ILE A 82 8.38 -11.41 7.85
C ILE A 82 9.43 -10.76 6.96
N ALA A 83 9.30 -10.90 5.64
CA ALA A 83 10.20 -10.22 4.70
C ALA A 83 9.37 -9.27 3.86
N ILE A 84 9.79 -8.01 3.80
CA ILE A 84 9.08 -6.98 3.03
C ILE A 84 10.15 -6.36 2.14
N ALA A 85 10.18 -6.81 0.90
CA ALA A 85 11.26 -6.52 -0.05
C ALA A 85 10.77 -6.88 -1.46
N PRO A 86 11.57 -6.55 -2.49
CA PRO A 86 11.26 -7.00 -3.85
C PRO A 86 11.56 -8.48 -4.03
N LEU A 87 10.79 -9.31 -3.36
CA LEU A 87 11.05 -10.75 -3.30
C LEU A 87 10.08 -11.50 -4.18
N THR A 88 10.61 -12.16 -5.20
CA THR A 88 9.78 -12.83 -6.21
C THR A 88 9.07 -14.08 -5.70
N ILE A 89 7.78 -14.18 -5.99
CA ILE A 89 7.01 -15.39 -5.69
C ILE A 89 7.43 -16.49 -6.67
N THR A 90 7.99 -17.58 -6.15
CA THR A 90 8.40 -18.71 -7.00
C THR A 90 7.96 -20.04 -6.41
N LEU A 91 7.85 -21.04 -7.26
CA LEU A 91 7.42 -22.37 -6.83
C LEU A 91 8.33 -22.96 -5.77
N VAL A 92 9.65 -22.95 -6.03
CA VAL A 92 10.57 -23.55 -5.06
C VAL A 92 10.57 -22.85 -3.70
N ARG A 93 10.32 -21.54 -3.68
CA ARG A 93 10.23 -20.82 -2.41
C ARG A 93 8.93 -21.10 -1.69
N GLU A 94 7.84 -21.15 -2.45
CA GLU A 94 6.51 -21.42 -1.88
C GLU A 94 6.49 -22.79 -1.20
N GLU A 95 7.47 -23.62 -1.52
CA GLU A 95 7.58 -24.94 -0.88
C GLU A 95 8.13 -24.86 0.55
N VAL A 96 8.79 -23.75 0.89
CA VAL A 96 9.35 -23.60 2.24
C VAL A 96 8.90 -22.35 3.04
N ILE A 97 8.37 -21.35 2.33
CA ILE A 97 7.80 -20.16 2.99
C ILE A 97 6.44 -19.82 2.38
N ASP A 98 5.68 -18.94 3.05
CA ASP A 98 4.39 -18.47 2.51
C ASP A 98 4.53 -17.07 1.90
N PHE A 99 3.77 -16.79 0.85
CA PHE A 99 3.74 -15.46 0.25
C PHE A 99 2.32 -14.89 0.27
N SER A 100 2.21 -13.57 0.42
CA SER A 100 0.95 -12.87 0.16
C SER A 100 0.69 -12.90 -1.33
N LYS A 101 -0.51 -12.53 -1.74
CA LYS A 101 -0.74 -12.18 -3.15
C LYS A 101 0.19 -11.03 -3.51
N PRO A 102 0.51 -10.86 -4.80
CA PRO A 102 1.54 -9.89 -5.22
C PRO A 102 1.21 -8.44 -4.88
N PHE A 103 2.22 -7.67 -4.47
CA PHE A 103 2.03 -6.23 -4.36
C PHE A 103 2.61 -5.49 -5.57
N MET A 104 3.31 -6.20 -6.44
CA MET A 104 3.85 -5.58 -7.64
C MET A 104 3.95 -6.65 -8.72
N SER A 105 3.61 -6.30 -9.95
CA SER A 105 3.71 -7.21 -11.08
C SER A 105 4.87 -6.78 -11.98
N LEU A 106 5.63 -7.74 -12.49
CA LEU A 106 6.82 -7.42 -13.27
C LEU A 106 7.28 -8.59 -14.11
N GLY A 107 8.36 -8.40 -14.85
CA GLY A 107 8.95 -9.48 -15.61
C GLY A 107 10.40 -9.22 -15.86
N ILE A 108 11.11 -10.24 -16.33
CA ILE A 108 12.51 -10.07 -16.69
C ILE A 108 12.61 -9.22 -17.96
N SER A 109 13.58 -8.33 -18.01
CA SER A 109 13.69 -7.35 -19.08
C SER A 109 15.15 -7.09 -19.41
N ILE A 110 15.40 -6.40 -20.51
CA ILE A 110 16.77 -6.16 -20.94
C ILE A 110 17.12 -4.69 -20.77
N MET A 111 18.24 -4.44 -20.11
CA MET A 111 18.77 -3.09 -19.99
C MET A 111 20.00 -2.93 -20.88
N ILE A 112 20.00 -1.90 -21.73
CA ILE A 112 21.18 -1.59 -22.53
C ILE A 112 21.72 -0.19 -22.23
N LYS A 113 23.01 0.00 -22.49
CA LYS A 113 23.56 1.34 -22.63
C LYS A 113 22.95 1.90 -23.92
N LYS A 114 22.47 3.14 -23.87
CA LYS A 114 21.85 3.74 -25.06
C LYS A 114 22.75 3.61 -26.28
N GLY A 115 22.17 3.20 -27.41
CA GLY A 115 22.94 3.05 -28.63
C GLY A 115 23.34 1.63 -28.96
N THR A 116 23.19 0.72 -28.00
CA THR A 116 23.58 -0.68 -28.18
C THR A 116 22.64 -1.31 -29.20
N PRO A 117 23.20 -1.98 -30.22
CA PRO A 117 22.38 -2.56 -31.29
C PRO A 117 21.68 -3.87 -30.89
N ILE A 118 20.77 -3.79 -29.92
CA ILE A 118 20.04 -4.95 -29.41
C ILE A 118 18.60 -4.54 -29.17
N GLU A 119 17.65 -5.35 -29.62
CA GLU A 119 16.23 -5.04 -29.45
C GLU A 119 15.42 -6.13 -28.76
N SER A 120 16.06 -7.27 -28.48
CA SER A 120 15.33 -8.43 -27.97
C SER A 120 16.28 -9.50 -27.45
N ALA A 121 15.73 -10.45 -26.69
CA ALA A 121 16.53 -11.58 -26.20
C ALA A 121 17.04 -12.43 -27.37
N GLU A 122 16.22 -12.52 -28.41
CA GLU A 122 16.64 -13.24 -29.60
C GLU A 122 17.90 -12.59 -30.18
N ASP A 123 17.92 -11.27 -30.22
CA ASP A 123 19.10 -10.51 -30.66
C ASP A 123 20.35 -10.87 -29.85
N LEU A 124 20.22 -10.87 -28.52
CA LEU A 124 21.34 -11.23 -27.64
C LEU A 124 21.87 -12.64 -27.93
N SER A 125 20.96 -13.60 -28.08
CA SER A 125 21.32 -15.00 -28.19
C SER A 125 22.02 -15.36 -29.52
N LYS A 126 21.85 -14.50 -30.53
CA LYS A 126 22.35 -14.77 -31.87
C LYS A 126 23.65 -14.03 -32.18
N GLN A 127 24.30 -13.50 -31.14
CA GLN A 127 25.51 -12.71 -31.32
C GLN A 127 26.44 -12.96 -30.16
N THR A 128 27.67 -12.48 -30.28
CA THR A 128 28.69 -12.83 -29.32
C THR A 128 29.49 -11.62 -28.83
N GLU A 129 29.43 -10.53 -29.57
CA GLU A 129 30.21 -9.33 -29.27
C GLU A 129 29.80 -8.64 -27.95
N ILE A 130 28.49 -8.58 -27.71
CA ILE A 130 27.94 -7.99 -26.49
C ILE A 130 27.68 -9.07 -25.45
N ALA A 131 28.37 -8.98 -24.32
CA ALA A 131 28.16 -9.94 -23.23
C ALA A 131 26.87 -9.56 -22.48
N TYR A 132 26.34 -10.50 -21.70
CA TYR A 132 25.15 -10.25 -20.92
C TYR A 132 25.04 -11.21 -19.74
N GLY A 133 24.45 -10.74 -18.63
CA GLY A 133 24.34 -11.55 -17.44
C GLY A 133 23.17 -11.13 -16.57
N THR A 134 23.12 -11.68 -15.36
CA THR A 134 22.01 -11.42 -14.44
C THR A 134 22.54 -11.23 -13.02
N LEU A 135 21.63 -10.93 -12.10
CA LEU A 135 21.96 -10.95 -10.68
C LEU A 135 22.22 -12.40 -10.26
N ASP A 136 23.19 -12.63 -9.39
CA ASP A 136 23.43 -13.96 -8.83
C ASP A 136 22.42 -14.23 -7.72
N CYS A 137 22.12 -15.49 -7.47
CA CYS A 137 21.32 -15.91 -6.31
C CYS A 137 19.95 -15.25 -6.24
N GLY A 138 19.19 -15.35 -7.33
CA GLY A 138 17.86 -14.78 -7.37
C GLY A 138 17.01 -15.47 -8.40
N SER A 139 15.79 -14.98 -8.56
CA SER A 139 14.82 -15.60 -9.45
C SER A 139 15.15 -15.43 -10.94
N THR A 140 15.84 -14.35 -11.29
CA THR A 140 16.21 -14.12 -12.69
C THR A 140 17.22 -15.18 -13.18
N LYS A 141 18.26 -15.43 -12.38
CA LYS A 141 19.25 -16.44 -12.73
C LYS A 141 18.58 -17.81 -12.85
N GLU A 142 17.74 -18.15 -11.88
CA GLU A 142 17.00 -19.40 -11.89
C GLU A 142 16.06 -19.55 -13.08
N PHE A 143 15.45 -18.44 -13.53
CA PHE A 143 14.62 -18.46 -14.73
C PHE A 143 15.38 -19.03 -15.92
N PHE A 144 16.60 -18.54 -16.13
CA PHE A 144 17.40 -19.00 -17.26
C PHE A 144 17.91 -20.41 -17.05
N ARG A 145 18.33 -20.71 -15.82
CA ARG A 145 18.80 -22.07 -15.52
C ARG A 145 17.72 -23.13 -15.78
N ARG A 146 16.47 -22.80 -15.51
CA ARG A 146 15.39 -23.79 -15.64
C ARG A 146 14.61 -23.76 -16.97
N SER A 147 14.82 -22.74 -17.79
CA SER A 147 14.00 -22.58 -18.99
C SER A 147 14.22 -23.66 -20.05
N LYS A 148 13.12 -24.17 -20.60
CA LYS A 148 13.14 -25.15 -21.69
C LYS A 148 12.90 -24.44 -23.02
N ILE A 149 12.70 -23.14 -22.97
CA ILE A 149 12.49 -22.35 -24.18
C ILE A 149 13.82 -22.16 -24.90
N ALA A 150 13.86 -22.44 -26.20
CA ALA A 150 15.12 -22.47 -26.94
C ALA A 150 15.97 -21.21 -26.75
N VAL A 151 15.38 -20.04 -26.98
CA VAL A 151 16.16 -18.82 -26.90
C VAL A 151 16.76 -18.62 -25.51
N PHE A 152 15.97 -18.86 -24.47
CA PHE A 152 16.46 -18.64 -23.11
C PHE A 152 17.49 -19.70 -22.67
N ASP A 153 17.31 -20.95 -23.09
CA ASP A 153 18.31 -21.97 -22.76
C ASP A 153 19.65 -21.72 -23.48
N LYS A 154 19.58 -21.21 -24.71
CA LYS A 154 20.77 -20.81 -25.43
C LYS A 154 21.49 -19.71 -24.66
N MET A 155 20.71 -18.72 -24.20
CA MET A 155 21.30 -17.67 -23.37
C MET A 155 21.92 -18.25 -22.10
N TRP A 156 21.23 -19.19 -21.45
CA TRP A 156 21.78 -19.81 -20.24
C TRP A 156 23.08 -20.55 -20.52
N THR A 157 23.13 -21.27 -21.63
CA THR A 157 24.33 -22.01 -22.00
C THR A 157 25.54 -21.08 -22.16
N TYR A 158 25.34 -19.94 -22.80
CA TYR A 158 26.38 -18.93 -22.89
C TYR A 158 26.74 -18.35 -21.52
N MET A 159 25.73 -17.94 -20.76
CA MET A 159 25.97 -17.24 -19.50
C MET A 159 26.66 -18.10 -18.44
N ARG A 160 26.22 -19.36 -18.34
CA ARG A 160 26.76 -20.30 -17.37
C ARG A 160 28.27 -20.48 -17.55
N SER A 161 28.74 -20.40 -18.78
CA SER A 161 30.13 -20.73 -19.09
C SER A 161 31.02 -19.52 -19.41
N ALA A 162 30.44 -18.33 -19.40
CA ALA A 162 31.21 -17.15 -19.79
C ALA A 162 32.27 -16.81 -18.75
N GLU A 163 33.44 -16.41 -19.24
CA GLU A 163 34.54 -16.00 -18.39
C GLU A 163 35.12 -14.69 -18.90
N PRO A 164 35.34 -13.72 -18.01
CA PRO A 164 34.98 -13.79 -16.58
C PRO A 164 33.46 -13.85 -16.38
N SER A 165 33.04 -14.04 -15.15
CA SER A 165 31.62 -14.18 -14.83
C SER A 165 30.82 -13.00 -15.36
N VAL A 166 29.65 -13.30 -15.93
CA VAL A 166 28.72 -12.26 -16.35
C VAL A 166 27.67 -12.01 -15.28
N PHE A 167 27.74 -12.77 -14.20
CA PHE A 167 26.81 -12.59 -13.07
C PHE A 167 27.35 -11.55 -12.09
N VAL A 168 26.45 -10.86 -11.41
CA VAL A 168 26.84 -9.80 -10.49
C VAL A 168 26.22 -10.06 -9.12
N ARG A 169 26.86 -9.52 -8.10
CA ARG A 169 26.46 -9.70 -6.71
C ARG A 169 25.25 -8.85 -6.31
N THR A 170 25.16 -7.65 -6.88
CA THR A 170 24.08 -6.73 -6.57
C THR A 170 23.62 -6.01 -7.83
N THR A 171 22.40 -5.50 -7.78
CA THR A 171 21.83 -4.76 -8.89
C THR A 171 22.74 -3.60 -9.29
N ALA A 172 23.15 -2.80 -8.31
CA ALA A 172 24.04 -1.67 -8.58
C ALA A 172 25.27 -2.08 -9.40
N GLU A 173 25.82 -3.26 -9.09
CA GLU A 173 27.01 -3.74 -9.80
C GLU A 173 26.69 -4.00 -11.28
N GLY A 174 25.51 -4.53 -11.55
CA GLY A 174 25.10 -4.82 -12.91
C GLY A 174 24.88 -3.54 -13.71
N VAL A 175 24.24 -2.56 -13.08
CA VAL A 175 23.96 -1.29 -13.74
C VAL A 175 25.27 -0.56 -14.03
N ALA A 176 26.18 -0.56 -13.05
CA ALA A 176 27.48 0.06 -13.23
C ALA A 176 28.24 -0.59 -14.38
N ARG A 177 28.12 -1.91 -14.51
CA ARG A 177 28.82 -2.65 -15.54
C ARG A 177 28.24 -2.30 -16.92
N VAL A 178 26.94 -2.07 -16.98
CA VAL A 178 26.35 -1.62 -18.24
C VAL A 178 26.90 -0.24 -18.60
N ARG A 179 26.87 0.67 -17.62
CA ARG A 179 27.26 2.05 -17.87
C ARG A 179 28.72 2.19 -18.27
N LYS A 180 29.58 1.33 -17.75
CA LYS A 180 31.02 1.41 -18.03
C LYS A 180 31.46 0.61 -19.25
N SER A 181 30.52 -0.14 -19.84
CA SER A 181 30.79 -1.17 -20.85
C SER A 181 30.99 -0.67 -22.29
N LYS A 182 30.63 0.58 -22.56
CA LYS A 182 30.64 1.12 -23.92
C LYS A 182 29.76 0.33 -24.88
N GLY A 183 28.70 -0.25 -24.34
CA GLY A 183 27.75 -1.00 -25.14
C GLY A 183 28.04 -2.49 -25.18
N LYS A 184 29.14 -2.92 -24.59
CA LYS A 184 29.58 -4.31 -24.72
C LYS A 184 29.06 -5.25 -23.61
N TYR A 185 28.25 -4.71 -22.71
CA TYR A 185 27.54 -5.55 -21.71
C TYR A 185 26.09 -5.11 -21.65
N ALA A 186 25.18 -6.08 -21.71
CA ALA A 186 23.76 -5.84 -21.47
C ALA A 186 23.32 -6.61 -20.23
N TYR A 187 22.32 -6.09 -19.53
CA TYR A 187 21.97 -6.66 -18.24
C TYR A 187 20.51 -7.10 -18.25
N LEU A 188 20.26 -8.33 -17.82
CA LEU A 188 18.92 -8.87 -17.70
C LEU A 188 18.48 -8.69 -16.25
N LEU A 189 17.38 -7.98 -16.05
CA LEU A 189 16.93 -7.68 -14.69
C LEU A 189 15.43 -7.42 -14.63
N GLU A 190 14.90 -7.39 -13.42
CA GLU A 190 13.46 -7.21 -13.27
C GLU A 190 12.99 -5.85 -13.81
N SER A 191 11.83 -5.85 -14.48
CA SER A 191 11.38 -4.71 -15.29
C SER A 191 11.21 -3.43 -14.48
N THR A 192 10.66 -3.55 -13.28
CA THR A 192 10.44 -2.33 -12.49
C THR A 192 11.77 -1.67 -12.09
N MET A 193 12.82 -2.44 -11.89
CA MET A 193 14.14 -1.85 -11.63
C MET A 193 14.69 -1.22 -12.89
N ASN A 194 14.55 -1.90 -14.02
CA ASN A 194 14.98 -1.34 -15.31
C ASN A 194 14.34 0.06 -15.47
N GLU A 195 13.03 0.13 -15.20
CA GLU A 195 12.27 1.39 -15.31
C GLU A 195 12.77 2.49 -14.37
N TYR A 196 13.09 2.10 -13.14
CA TYR A 196 13.63 3.05 -12.16
C TYR A 196 14.95 3.63 -12.64
N ILE A 197 15.85 2.78 -13.10
CA ILE A 197 17.20 3.20 -13.49
C ILE A 197 17.16 4.13 -14.73
N GLU A 198 16.22 3.86 -15.61
CA GLU A 198 16.01 4.68 -16.80
C GLU A 198 15.75 6.16 -16.42
N GLN A 199 15.24 6.37 -15.21
CA GLN A 199 14.95 7.73 -14.75
C GLN A 199 16.00 8.25 -13.75
N ARG A 200 17.15 7.59 -13.68
CA ARG A 200 18.25 8.06 -12.85
C ARG A 200 19.40 8.62 -13.69
N LYS A 201 19.96 9.75 -13.26
CA LYS A 201 21.14 10.28 -13.94
C LYS A 201 22.22 9.18 -13.88
N PRO A 202 23.09 9.13 -14.89
CA PRO A 202 23.21 10.05 -16.02
C PRO A 202 22.28 9.76 -17.21
N CYS A 203 21.15 9.08 -17.00
CA CYS A 203 20.18 8.86 -18.06
C CYS A 203 20.81 8.23 -19.30
N ASP A 204 21.63 7.20 -19.09
CA ASP A 204 22.37 6.61 -20.20
C ASP A 204 22.02 5.15 -20.44
N THR A 205 20.96 4.68 -19.79
CA THR A 205 20.45 3.34 -20.02
C THR A 205 18.99 3.36 -20.48
N MET A 206 18.55 2.26 -21.09
CA MET A 206 17.13 2.12 -21.39
C MET A 206 16.69 0.67 -21.43
N LYS A 207 15.39 0.46 -21.30
CA LYS A 207 14.77 -0.87 -21.39
C LYS A 207 14.45 -1.13 -22.86
N VAL A 208 14.82 -2.29 -23.37
CA VAL A 208 14.45 -2.62 -24.74
C VAL A 208 13.70 -3.94 -24.82
N GLY A 209 12.75 -3.99 -25.75
CA GLY A 209 11.97 -5.20 -25.98
C GLY A 209 10.86 -5.34 -24.97
N GLY A 210 10.14 -6.46 -25.04
CA GLY A 210 9.07 -6.74 -24.10
C GLY A 210 9.65 -7.53 -22.93
N ASN A 211 8.83 -7.81 -21.93
CA ASN A 211 9.28 -8.64 -20.82
C ASN A 211 9.36 -10.10 -21.23
N LEU A 212 10.31 -10.82 -20.62
CA LEU A 212 10.57 -12.20 -20.99
C LEU A 212 9.58 -13.16 -20.32
N ASP A 213 9.05 -12.71 -19.19
CA ASP A 213 8.08 -13.50 -18.43
C ASP A 213 7.21 -12.58 -17.58
N SER A 214 6.34 -13.18 -16.76
CA SER A 214 5.43 -12.42 -15.91
C SER A 214 5.41 -13.06 -14.53
N LYS A 215 5.57 -12.24 -13.51
CA LYS A 215 5.66 -12.75 -12.15
C LYS A 215 5.27 -11.63 -11.18
N GLY A 216 5.37 -11.90 -9.89
CA GLY A 216 5.03 -10.90 -8.89
C GLY A 216 5.96 -10.91 -7.67
N TYR A 217 6.02 -9.76 -6.98
CA TYR A 217 6.64 -9.68 -5.67
C TYR A 217 5.59 -9.88 -4.58
N GLY A 218 5.94 -10.59 -3.53
CA GLY A 218 5.00 -10.82 -2.43
C GLY A 218 5.68 -10.62 -1.10
N ILE A 219 4.88 -10.32 -0.08
CA ILE A 219 5.36 -10.29 1.30
C ILE A 219 5.45 -11.73 1.79
N ALA A 220 6.59 -12.10 2.36
CA ALA A 220 6.82 -13.50 2.73
C ALA A 220 6.84 -13.69 4.26
N THR A 221 6.29 -14.81 4.72
CA THR A 221 6.32 -15.20 6.13
C THR A 221 6.71 -16.68 6.24
N PRO A 222 7.21 -17.11 7.42
CA PRO A 222 7.54 -18.53 7.61
C PRO A 222 6.30 -19.39 7.50
N LYS A 223 6.43 -20.62 7.04
CA LYS A 223 5.27 -21.50 6.93
C LYS A 223 4.60 -21.68 8.28
N GLY A 224 3.27 -21.51 8.30
CA GLY A 224 2.51 -21.66 9.51
C GLY A 224 2.46 -20.41 10.39
N SER A 225 2.99 -19.30 9.88
CA SER A 225 2.99 -18.07 10.66
C SER A 225 1.57 -17.57 10.89
N SER A 226 1.32 -17.03 12.07
CA SER A 226 0.01 -16.48 12.39
C SER A 226 -0.20 -15.14 11.68
N LEU A 227 0.89 -14.56 11.18
CA LEU A 227 0.86 -13.26 10.50
C LEU A 227 0.37 -13.35 9.06
N GLY A 228 0.56 -14.51 8.45
CA GLY A 228 0.30 -14.68 7.03
C GLY A 228 -1.05 -14.18 6.56
N ASN A 229 -2.11 -14.63 7.23
CA ASN A 229 -3.47 -14.32 6.80
C ASN A 229 -3.71 -12.83 6.76
N ALA A 230 -3.39 -12.16 7.86
CA ALA A 230 -3.68 -10.74 7.98
C ALA A 230 -2.84 -9.89 7.03
N VAL A 231 -1.60 -10.31 6.81
CA VAL A 231 -0.74 -9.59 5.90
C VAL A 231 -1.27 -9.67 4.47
N ASN A 232 -1.74 -10.84 4.07
CA ASN A 232 -2.33 -10.97 2.75
C ASN A 232 -3.54 -10.04 2.52
N LEU A 233 -4.44 -10.01 3.50
CA LEU A 233 -5.60 -9.10 3.47
C LEU A 233 -5.16 -7.64 3.44
N ALA A 234 -4.11 -7.31 4.18
CA ALA A 234 -3.59 -5.95 4.15
C ALA A 234 -3.08 -5.60 2.74
N VAL A 235 -2.35 -6.51 2.10
CA VAL A 235 -1.83 -6.21 0.77
C VAL A 235 -2.97 -5.99 -0.22
N LEU A 236 -4.01 -6.81 -0.13
CA LEU A 236 -5.15 -6.68 -1.04
C LEU A 236 -5.88 -5.36 -0.82
N LYS A 237 -6.06 -5.00 0.44
CA LYS A 237 -6.75 -3.76 0.79
C LYS A 237 -5.97 -2.55 0.28
N LEU A 238 -4.66 -2.58 0.49
CA LEU A 238 -3.81 -1.47 0.06
C LEU A 238 -3.73 -1.36 -1.46
N ASN A 239 -3.76 -2.49 -2.17
CA ASN A 239 -3.81 -2.41 -3.62
C ASN A 239 -5.12 -1.78 -4.06
N GLU A 240 -6.21 -2.24 -3.47
CA GLU A 240 -7.54 -1.80 -3.88
C GLU A 240 -7.76 -0.31 -3.59
N GLN A 241 -7.09 0.20 -2.56
CA GLN A 241 -7.21 1.62 -2.21
C GLN A 241 -6.18 2.51 -2.91
N GLY A 242 -5.43 1.93 -3.85
CA GLY A 242 -4.51 2.71 -4.66
C GLY A 242 -3.16 3.04 -4.03
N LEU A 243 -2.92 2.57 -2.80
CA LEU A 243 -1.65 2.87 -2.12
C LEU A 243 -0.43 2.40 -2.91
N LEU A 244 -0.49 1.20 -3.47
CA LEU A 244 0.69 0.65 -4.14
C LEU A 244 1.03 1.48 -5.38
N ASP A 245 0.00 1.89 -6.12
CA ASP A 245 0.19 2.77 -7.27
C ASP A 245 0.79 4.12 -6.85
N LYS A 246 0.35 4.63 -5.71
CA LYS A 246 0.87 5.89 -5.17
C LYS A 246 2.32 5.76 -4.74
N LEU A 247 2.68 4.63 -4.14
CA LEU A 247 4.06 4.43 -3.71
C LEU A 247 5.01 4.29 -4.90
N LYS A 248 4.57 3.64 -5.97
CA LYS A 248 5.43 3.58 -7.14
C LYS A 248 5.66 4.96 -7.74
N ASN A 249 4.58 5.72 -7.90
CA ASN A 249 4.70 7.08 -8.41
C ASN A 249 5.68 7.90 -7.60
N LYS A 250 5.56 7.82 -6.27
CA LYS A 250 6.42 8.58 -5.36
C LYS A 250 7.89 8.25 -5.55
N TRP A 251 8.22 6.96 -5.58
CA TRP A 251 9.62 6.54 -5.58
C TRP A 251 10.28 6.44 -6.97
N TRP A 252 9.47 6.31 -8.02
CA TRP A 252 9.98 6.16 -9.38
C TRP A 252 9.99 7.47 -10.18
N TYR A 253 8.86 8.14 -10.19
CA TYR A 253 8.64 9.19 -11.18
C TYR A 253 8.55 10.59 -10.59
N ASP A 254 7.96 10.73 -9.42
CA ASP A 254 7.94 12.03 -8.74
C ASP A 254 9.38 12.49 -8.54
N LYS A 255 10.28 11.52 -8.41
CA LYS A 255 11.68 11.80 -8.15
C LYS A 255 12.57 11.60 -9.40
N GLY A 256 11.94 11.36 -10.55
CA GLY A 256 12.69 11.11 -11.77
C GLY A 256 13.66 12.23 -12.13
N GLU A 257 14.87 11.86 -12.51
CA GLU A 257 15.96 12.80 -12.81
C GLU A 257 16.22 12.99 -14.31
N CYS A 258 15.40 12.38 -15.17
CA CYS A 258 15.67 12.38 -16.61
C CYS A 258 14.53 13.03 -17.41
N LYS B 1 -14.64 -37.86 -5.60
CA LYS B 1 -13.87 -38.47 -6.67
C LYS B 1 -13.68 -37.47 -7.82
N THR B 2 -14.73 -37.31 -8.62
CA THR B 2 -14.67 -36.37 -9.75
C THR B 2 -14.82 -34.94 -9.25
N VAL B 3 -13.83 -34.10 -9.54
CA VAL B 3 -13.86 -32.71 -9.13
C VAL B 3 -14.84 -31.90 -9.99
N VAL B 4 -15.78 -31.21 -9.34
CA VAL B 4 -16.72 -30.33 -10.04
C VAL B 4 -16.11 -28.95 -10.23
N VAL B 5 -15.86 -28.59 -11.47
CA VAL B 5 -15.30 -27.28 -11.80
C VAL B 5 -16.41 -26.33 -12.23
N THR B 6 -16.50 -25.18 -11.57
CA THR B 6 -17.42 -24.15 -12.06
C THR B 6 -16.64 -23.17 -12.94
N THR B 7 -17.29 -22.73 -14.02
CA THR B 7 -16.65 -21.80 -14.94
C THR B 7 -17.75 -20.99 -15.62
N ILE B 8 -17.35 -20.09 -16.51
CA ILE B 8 -18.30 -19.17 -17.13
C ILE B 8 -18.03 -19.08 -18.63
N LEU B 9 -19.09 -18.96 -19.44
CA LEU B 9 -18.93 -18.82 -20.87
C LEU B 9 -18.49 -17.40 -21.22
N GLU B 10 -17.21 -17.26 -21.52
CA GLU B 10 -16.57 -15.98 -21.76
C GLU B 10 -15.45 -16.27 -22.74
N SER B 11 -15.59 -15.80 -23.97
CA SER B 11 -14.54 -16.01 -24.96
C SER B 11 -13.36 -15.11 -24.65
N PRO B 12 -12.13 -15.63 -24.81
CA PRO B 12 -11.78 -16.98 -25.29
C PRO B 12 -11.42 -17.94 -24.15
N TYR B 13 -11.92 -17.67 -22.95
CA TYR B 13 -11.63 -18.52 -21.80
C TYR B 13 -12.38 -19.84 -21.89
N VAL B 14 -13.68 -19.75 -22.09
CA VAL B 14 -14.54 -20.93 -22.26
C VAL B 14 -15.57 -20.68 -23.35
N MET B 15 -15.55 -21.49 -24.40
CA MET B 15 -16.46 -21.34 -25.52
C MET B 15 -16.97 -22.72 -25.93
N MET B 16 -18.19 -22.78 -26.46
CA MET B 16 -18.65 -24.03 -27.04
C MET B 16 -17.95 -24.25 -28.37
N LYS B 17 -17.45 -25.46 -28.60
CA LYS B 17 -16.84 -25.80 -29.88
C LYS B 17 -17.87 -25.67 -31.02
N LYS B 18 -17.39 -25.40 -32.23
CA LYS B 18 -18.32 -25.31 -33.37
C LYS B 18 -19.16 -26.59 -33.53
N ASN B 19 -18.52 -27.74 -33.38
CA ASN B 19 -19.23 -29.01 -33.46
C ASN B 19 -19.54 -29.57 -32.07
N HIS B 20 -20.05 -28.71 -31.19
CA HIS B 20 -20.35 -29.14 -29.83
C HIS B 20 -21.54 -30.09 -29.70
N GLU B 21 -22.57 -29.90 -30.53
CA GLU B 21 -23.83 -30.61 -30.31
C GLU B 21 -23.73 -32.13 -30.49
N MET B 22 -22.66 -32.59 -31.14
CA MET B 22 -22.39 -34.01 -31.21
C MET B 22 -21.16 -34.40 -30.39
N LEU B 23 -20.83 -33.56 -29.42
CA LEU B 23 -19.76 -33.87 -28.46
C LEU B 23 -20.41 -33.99 -27.10
N GLU B 24 -19.71 -34.57 -26.14
CA GLU B 24 -20.28 -34.73 -24.81
C GLU B 24 -19.30 -34.35 -23.70
N GLY B 25 -19.83 -34.03 -22.52
CA GLY B 25 -19.03 -33.71 -21.36
C GLY B 25 -18.06 -32.57 -21.62
N ASN B 26 -16.86 -32.67 -21.05
CA ASN B 26 -15.86 -31.62 -21.19
C ASN B 26 -15.45 -31.34 -22.64
N GLU B 27 -15.67 -32.31 -23.52
CA GLU B 27 -15.29 -32.16 -24.92
C GLU B 27 -16.10 -31.10 -25.67
N ARG B 28 -17.22 -30.68 -25.12
CA ARG B 28 -18.07 -29.67 -25.77
C ARG B 28 -17.44 -28.29 -25.80
N TYR B 29 -16.48 -28.06 -24.91
CA TYR B 29 -15.89 -26.75 -24.72
C TYR B 29 -14.43 -26.64 -25.16
N GLU B 30 -14.04 -25.42 -25.47
CA GLU B 30 -12.65 -25.12 -25.78
C GLU B 30 -12.30 -23.74 -25.27
N GLY B 31 -11.02 -23.49 -25.09
CA GLY B 31 -10.57 -22.17 -24.69
C GLY B 31 -9.42 -22.21 -23.71
N TYR B 32 -8.95 -21.03 -23.36
CA TYR B 32 -7.81 -20.84 -22.48
C TYR B 32 -8.04 -21.53 -21.16
N CYS B 33 -9.22 -21.33 -20.58
CA CYS B 33 -9.51 -21.90 -19.27
C CYS B 33 -9.83 -23.40 -19.34
N VAL B 34 -10.32 -23.86 -20.49
CA VAL B 34 -10.46 -25.29 -20.73
C VAL B 34 -9.09 -25.96 -20.77
N ASP B 35 -8.17 -25.37 -21.53
CA ASP B 35 -6.79 -25.87 -21.56
C ASP B 35 -6.15 -25.83 -20.18
N LEU B 36 -6.38 -24.74 -19.46
CA LEU B 36 -5.80 -24.57 -18.13
C LEU B 36 -6.34 -25.62 -17.16
N ALA B 37 -7.65 -25.89 -17.24
CA ALA B 37 -8.26 -26.91 -16.39
C ALA B 37 -7.65 -28.30 -16.62
N ALA B 38 -7.38 -28.62 -17.88
CA ALA B 38 -6.78 -29.90 -18.23
C ALA B 38 -5.37 -30.00 -17.66
N GLU B 39 -4.61 -28.92 -17.78
CA GLU B 39 -3.25 -28.90 -17.26
C GLU B 39 -3.20 -29.04 -15.73
N ILE B 40 -4.12 -28.36 -15.04
CA ILE B 40 -4.15 -28.43 -13.57
C ILE B 40 -4.57 -29.82 -13.09
N ALA B 41 -5.54 -30.42 -13.77
CA ALA B 41 -6.01 -31.75 -13.41
C ALA B 41 -4.95 -32.82 -13.69
N LYS B 42 -4.13 -32.59 -14.71
CA LYS B 42 -3.05 -33.52 -15.06
C LYS B 42 -1.94 -33.48 -14.01
N HIS B 43 -1.53 -32.27 -13.63
CA HIS B 43 -0.45 -32.10 -12.65
C HIS B 43 -0.90 -32.45 -11.23
N CYS B 44 -2.20 -32.32 -10.94
CA CYS B 44 -2.70 -32.69 -9.63
C CYS B 44 -3.29 -34.10 -9.65
N GLY B 45 -3.41 -34.67 -10.84
CA GLY B 45 -3.90 -36.03 -11.01
C GLY B 45 -5.33 -36.26 -10.57
N PHE B 46 -6.26 -35.41 -10.99
CA PHE B 46 -7.68 -35.66 -10.70
C PHE B 46 -8.56 -35.65 -11.94
N LYS B 47 -9.71 -36.32 -11.81
CA LYS B 47 -10.72 -36.30 -12.86
C LYS B 47 -11.68 -35.17 -12.53
N TYR B 48 -12.31 -34.58 -13.55
CA TYR B 48 -13.11 -33.40 -13.31
C TYR B 48 -14.22 -33.26 -14.33
N LYS B 49 -15.20 -32.44 -13.98
CA LYS B 49 -16.34 -32.17 -14.81
C LYS B 49 -16.55 -30.65 -14.90
N LEU B 50 -16.43 -30.11 -16.11
CA LEU B 50 -16.69 -28.69 -16.31
C LEU B 50 -18.19 -28.41 -16.33
N THR B 51 -18.63 -27.48 -15.47
CA THR B 51 -20.02 -27.07 -15.40
C THR B 51 -20.10 -25.55 -15.52
N ILE B 52 -21.01 -25.06 -16.36
CA ILE B 52 -21.18 -23.64 -16.52
C ILE B 52 -22.03 -23.09 -15.39
N VAL B 53 -21.53 -22.05 -14.74
CA VAL B 53 -22.22 -21.41 -13.62
C VAL B 53 -23.68 -21.12 -13.97
N GLY B 54 -24.60 -21.59 -13.13
CA GLY B 54 -26.02 -21.56 -13.43
C GLY B 54 -26.61 -20.19 -13.72
N ASP B 55 -26.21 -19.19 -12.93
CA ASP B 55 -26.74 -17.84 -13.09
C ASP B 55 -25.90 -16.96 -14.03
N GLY B 56 -24.84 -17.53 -14.60
CA GLY B 56 -24.03 -16.81 -15.58
C GLY B 56 -23.23 -15.64 -15.04
N LYS B 57 -23.00 -15.61 -13.72
CA LYS B 57 -22.32 -14.48 -13.09
C LYS B 57 -20.98 -14.82 -12.42
N TYR B 58 -20.14 -13.80 -12.25
CA TYR B 58 -18.86 -13.98 -11.55
C TYR B 58 -19.07 -14.12 -10.03
N GLY B 59 -19.78 -13.17 -9.45
CA GLY B 59 -20.12 -13.32 -8.04
C GLY B 59 -20.11 -12.04 -7.27
N CYS B 60 -21.21 -11.78 -6.59
CA CYS B 60 -21.31 -10.62 -5.70
C CYS B 60 -22.19 -10.99 -4.52
N ARG B 61 -22.14 -10.18 -3.48
CA ARG B 61 -22.95 -10.46 -2.30
C ARG B 61 -24.14 -9.53 -2.21
N ASP B 62 -25.32 -10.12 -2.10
CA ASP B 62 -26.56 -9.37 -1.95
C ASP B 62 -26.47 -8.56 -0.66
N ALA B 63 -26.72 -7.25 -0.76
CA ALA B 63 -26.56 -6.34 0.37
C ALA B 63 -27.51 -6.61 1.53
N ASP B 64 -28.66 -7.21 1.22
CA ASP B 64 -29.69 -7.42 2.23
C ASP B 64 -29.64 -8.82 2.81
N THR B 65 -29.55 -9.81 1.94
CA THR B 65 -29.59 -11.19 2.34
C THR B 65 -28.19 -11.69 2.72
N LYS B 66 -27.17 -11.01 2.19
CA LYS B 66 -25.77 -11.38 2.40
C LYS B 66 -25.41 -12.71 1.72
N ILE B 67 -26.23 -13.14 0.78
CA ILE B 67 -25.98 -14.38 0.05
C ILE B 67 -25.11 -14.12 -1.18
N TRP B 68 -24.10 -14.97 -1.39
CA TRP B 68 -23.22 -14.88 -2.55
C TRP B 68 -23.83 -15.59 -3.75
N ASN B 69 -23.67 -14.98 -4.92
CA ASN B 69 -24.13 -15.58 -6.18
C ASN B 69 -22.95 -15.89 -7.11
N GLY B 70 -23.26 -16.29 -8.33
CA GLY B 70 -22.24 -16.60 -9.31
C GLY B 70 -21.31 -17.75 -8.93
N MET B 71 -20.11 -17.72 -9.52
CA MET B 71 -19.12 -18.77 -9.25
C MET B 71 -18.67 -18.72 -7.79
N VAL B 72 -18.55 -17.52 -7.25
CA VAL B 72 -18.17 -17.42 -5.83
C VAL B 72 -19.20 -18.13 -4.94
N GLY B 73 -20.48 -17.88 -5.18
CA GLY B 73 -21.55 -18.61 -4.49
C GLY B 73 -21.49 -20.12 -4.62
N GLU B 74 -21.18 -20.62 -5.81
CA GLU B 74 -21.12 -22.08 -6.01
C GLU B 74 -20.05 -22.73 -5.11
N LEU B 75 -18.95 -22.01 -4.86
CA LEU B 75 -17.92 -22.50 -3.96
C LEU B 75 -18.34 -22.35 -2.51
N VAL B 76 -18.82 -21.16 -2.16
CA VAL B 76 -19.18 -20.85 -0.77
C VAL B 76 -20.17 -21.88 -0.26
N TYR B 77 -21.15 -22.25 -1.09
CA TYR B 77 -22.23 -23.14 -0.67
C TYR B 77 -22.00 -24.62 -1.01
N GLY B 78 -20.81 -24.93 -1.54
CA GLY B 78 -20.42 -26.31 -1.75
C GLY B 78 -21.01 -26.99 -2.98
N LYS B 79 -21.45 -26.20 -3.96
CA LYS B 79 -21.99 -26.75 -5.19
C LYS B 79 -20.89 -27.04 -6.21
N ALA B 80 -19.71 -26.48 -5.97
CA ALA B 80 -18.56 -26.72 -6.84
C ALA B 80 -17.31 -26.83 -6.00
N ASP B 81 -16.33 -27.56 -6.50
CA ASP B 81 -15.09 -27.82 -5.77
C ASP B 81 -13.98 -26.83 -6.13
N ILE B 82 -14.09 -26.24 -7.32
CA ILE B 82 -13.05 -25.34 -7.80
C ILE B 82 -13.62 -24.49 -8.93
N ALA B 83 -13.22 -23.22 -8.99
CA ALA B 83 -13.58 -22.36 -10.12
C ALA B 83 -12.34 -22.06 -10.94
N ILE B 84 -12.43 -22.34 -12.23
CA ILE B 84 -11.35 -22.08 -13.16
C ILE B 84 -11.91 -21.16 -14.24
N ALA B 85 -11.66 -19.87 -14.09
CA ALA B 85 -12.27 -18.82 -14.93
C ALA B 85 -11.48 -17.52 -14.76
N PRO B 86 -11.86 -16.49 -15.52
CA PRO B 86 -11.28 -15.14 -15.37
C PRO B 86 -11.87 -14.46 -14.13
N LEU B 87 -11.52 -15.00 -12.97
CA LEU B 87 -12.10 -14.60 -11.71
C LEU B 87 -11.10 -13.75 -10.92
N THR B 88 -11.47 -12.52 -10.64
CA THR B 88 -10.56 -11.56 -10.03
C THR B 88 -10.33 -11.78 -8.53
N ILE B 89 -9.07 -11.84 -8.14
CA ILE B 89 -8.68 -11.90 -6.74
C ILE B 89 -9.01 -10.57 -6.06
N THR B 90 -9.92 -10.58 -5.08
CA THR B 90 -10.29 -9.37 -4.36
C THR B 90 -10.35 -9.62 -2.86
N LEU B 91 -10.30 -8.54 -2.10
CA LEU B 91 -10.31 -8.61 -0.65
C LEU B 91 -11.61 -9.22 -0.10
N VAL B 92 -12.76 -8.75 -0.57
CA VAL B 92 -14.02 -9.28 -0.04
C VAL B 92 -14.21 -10.75 -0.39
N ARG B 93 -13.69 -11.18 -1.54
CA ARG B 93 -13.80 -12.60 -1.90
C ARG B 93 -12.84 -13.45 -1.08
N GLU B 94 -11.63 -12.94 -0.84
CA GLU B 94 -10.62 -13.68 -0.07
C GLU B 94 -11.12 -14.00 1.33
N GLU B 95 -12.11 -13.25 1.78
CA GLU B 95 -12.66 -13.48 3.11
C GLU B 95 -13.58 -14.70 3.16
N VAL B 96 -14.08 -15.15 2.00
CA VAL B 96 -15.00 -16.30 1.98
C VAL B 96 -14.51 -17.48 1.16
N ILE B 97 -13.58 -17.24 0.24
CA ILE B 97 -12.99 -18.31 -0.56
C ILE B 97 -11.46 -18.18 -0.63
N ASP B 98 -10.79 -19.21 -1.14
CA ASP B 98 -9.34 -19.22 -1.31
C ASP B 98 -8.97 -19.04 -2.80
N PHE B 99 -7.88 -18.32 -3.06
CA PHE B 99 -7.38 -18.09 -4.41
C PHE B 99 -5.92 -18.55 -4.54
N SER B 100 -5.57 -19.15 -5.67
CA SER B 100 -4.18 -19.39 -6.02
C SER B 100 -3.49 -18.04 -6.28
N LYS B 101 -2.17 -18.06 -6.38
CA LYS B 101 -1.47 -16.91 -6.92
C LYS B 101 -2.01 -16.72 -8.34
N PRO B 102 -1.93 -15.50 -8.88
CA PRO B 102 -2.54 -15.13 -10.17
C PRO B 102 -2.00 -15.96 -11.30
N PHE B 103 -2.87 -16.33 -12.25
CA PHE B 103 -2.38 -16.95 -13.48
C PHE B 103 -2.38 -15.93 -14.62
N MET B 104 -3.00 -14.78 -14.38
CA MET B 104 -3.01 -13.69 -15.36
C MET B 104 -2.97 -12.36 -14.63
N SER B 105 -2.18 -11.40 -15.13
CA SER B 105 -2.16 -10.05 -14.59
C SER B 105 -2.87 -9.11 -15.55
N LEU B 106 -3.72 -8.24 -15.03
CA LEU B 106 -4.47 -7.33 -15.89
C LEU B 106 -4.91 -6.07 -15.16
N GLY B 107 -5.67 -5.23 -15.85
CA GLY B 107 -6.22 -4.02 -15.25
C GLY B 107 -7.50 -3.60 -15.92
N ILE B 108 -8.24 -2.69 -15.27
CA ILE B 108 -9.41 -2.11 -15.89
C ILE B 108 -8.98 -1.16 -17.04
N SER B 109 -9.72 -1.20 -18.14
CA SER B 109 -9.35 -0.40 -19.31
C SER B 109 -10.59 0.13 -19.99
N ILE B 110 -10.38 0.96 -21.02
CA ILE B 110 -11.47 1.62 -21.72
C ILE B 110 -11.59 1.10 -23.16
N MET B 111 -12.78 0.65 -23.53
CA MET B 111 -13.05 0.24 -24.90
C MET B 111 -13.94 1.26 -25.60
N ILE B 112 -13.51 1.72 -26.77
CA ILE B 112 -14.31 2.63 -27.58
C ILE B 112 -14.60 2.08 -28.97
N LYS B 113 -15.66 2.59 -29.58
CA LYS B 113 -15.87 2.41 -31.01
C LYS B 113 -14.83 3.27 -31.72
N LYS B 114 -14.17 2.71 -32.73
CA LYS B 114 -13.14 3.45 -33.45
C LYS B 114 -13.62 4.85 -33.87
N GLY B 115 -12.79 5.85 -33.63
CA GLY B 115 -13.13 7.22 -33.97
C GLY B 115 -13.80 8.00 -32.85
N THR B 116 -14.12 7.32 -31.75
CA THR B 116 -14.69 8.00 -30.58
C THR B 116 -13.67 8.98 -30.02
N PRO B 117 -14.10 10.23 -29.77
CA PRO B 117 -13.21 11.27 -29.24
C PRO B 117 -12.89 11.13 -27.76
N ILE B 118 -12.42 9.97 -27.33
CA ILE B 118 -12.05 9.74 -25.94
C ILE B 118 -10.67 9.11 -25.88
N GLU B 119 -9.83 9.62 -24.98
CA GLU B 119 -8.47 9.08 -24.85
C GLU B 119 -8.14 8.64 -23.42
N SER B 120 -9.04 8.91 -22.48
CA SER B 120 -8.75 8.57 -21.10
C SER B 120 -9.99 8.64 -20.21
N ALA B 121 -9.85 8.11 -19.00
CA ALA B 121 -10.93 8.13 -18.03
C ALA B 121 -11.29 9.59 -17.76
N GLU B 122 -10.28 10.43 -17.61
CA GLU B 122 -10.51 11.85 -17.36
C GLU B 122 -11.38 12.44 -18.47
N ASP B 123 -11.11 12.06 -19.72
CA ASP B 123 -11.92 12.53 -20.84
C ASP B 123 -13.39 12.11 -20.68
N LEU B 124 -13.62 10.86 -20.29
CA LEU B 124 -14.98 10.38 -20.08
C LEU B 124 -15.71 11.17 -18.98
N SER B 125 -15.01 11.41 -17.88
CA SER B 125 -15.60 12.02 -16.69
C SER B 125 -15.96 13.49 -16.88
N LYS B 126 -15.37 14.15 -17.88
CA LYS B 126 -15.54 15.59 -18.09
C LYS B 126 -16.53 15.91 -19.21
N GLN B 127 -17.32 14.93 -19.63
CA GLN B 127 -18.31 15.14 -20.69
C GLN B 127 -19.51 14.23 -20.47
N THR B 128 -20.57 14.46 -21.24
CA THR B 128 -21.84 13.77 -21.02
C THR B 128 -22.49 13.23 -22.29
N GLU B 129 -21.93 13.56 -23.44
CA GLU B 129 -22.46 13.09 -24.72
C GLU B 129 -22.27 11.58 -24.85
N ILE B 130 -21.13 11.09 -24.40
CA ILE B 130 -20.82 9.67 -24.49
C ILE B 130 -21.11 8.94 -23.17
N ALA B 131 -22.05 8.01 -23.23
CA ALA B 131 -22.38 7.17 -22.08
C ALA B 131 -21.28 6.15 -21.84
N TYR B 132 -21.19 5.62 -20.63
CA TYR B 132 -20.23 4.56 -20.33
C TYR B 132 -20.63 3.77 -19.08
N GLY B 133 -20.32 2.48 -19.08
CA GLY B 133 -20.66 1.66 -17.95
C GLY B 133 -19.72 0.47 -17.81
N THR B 134 -20.14 -0.49 -16.98
CA THR B 134 -19.33 -1.64 -16.68
C THR B 134 -20.21 -2.88 -16.60
N LEU B 135 -19.57 -4.04 -16.43
CA LEU B 135 -20.27 -5.28 -16.15
C LEU B 135 -20.90 -5.22 -14.75
N ASP B 136 -22.12 -5.73 -14.60
CA ASP B 136 -22.75 -5.92 -13.30
C ASP B 136 -22.11 -7.08 -12.52
N CYS B 137 -22.12 -6.99 -11.19
CA CYS B 137 -21.82 -8.15 -10.34
C CYS B 137 -20.42 -8.69 -10.53
N GLY B 138 -19.44 -7.78 -10.57
CA GLY B 138 -18.05 -8.17 -10.77
C GLY B 138 -17.13 -7.17 -10.12
N SER B 139 -15.84 -7.41 -10.26
CA SER B 139 -14.82 -6.58 -9.61
C SER B 139 -14.70 -5.19 -10.23
N THR B 140 -15.04 -5.05 -11.52
CA THR B 140 -14.96 -3.74 -12.16
C THR B 140 -15.97 -2.77 -11.56
N LYS B 141 -17.23 -3.19 -11.46
CA LYS B 141 -18.25 -2.34 -10.85
C LYS B 141 -17.83 -1.95 -9.42
N GLU B 142 -17.41 -2.93 -8.64
CA GLU B 142 -16.99 -2.66 -7.26
C GLU B 142 -15.81 -1.70 -7.19
N PHE B 143 -14.92 -1.76 -8.18
CA PHE B 143 -13.80 -0.82 -8.24
C PHE B 143 -14.30 0.62 -8.25
N PHE B 144 -15.25 0.92 -9.11
CA PHE B 144 -15.76 2.28 -9.22
C PHE B 144 -16.62 2.67 -8.02
N ARG B 145 -17.46 1.75 -7.56
CA ARG B 145 -18.25 2.01 -6.36
C ARG B 145 -17.37 2.34 -5.15
N ARG B 146 -16.21 1.72 -5.07
CA ARG B 146 -15.34 1.91 -3.90
C ARG B 146 -14.20 2.93 -4.06
N SER B 147 -14.08 3.54 -5.24
CA SER B 147 -12.94 4.42 -5.52
C SER B 147 -13.01 5.80 -4.86
N LYS B 148 -11.88 6.24 -4.31
CA LYS B 148 -11.74 7.57 -3.73
C LYS B 148 -11.08 8.54 -4.71
N ILE B 149 -10.53 8.00 -5.79
CA ILE B 149 -9.87 8.82 -6.80
C ILE B 149 -10.90 9.71 -7.49
N ALA B 150 -10.60 11.00 -7.55
CA ALA B 150 -11.58 12.00 -7.99
C ALA B 150 -12.26 11.66 -9.32
N VAL B 151 -11.46 11.27 -10.31
CA VAL B 151 -12.03 10.97 -11.63
C VAL B 151 -12.92 9.73 -11.57
N PHE B 152 -12.46 8.71 -10.85
CA PHE B 152 -13.18 7.45 -10.77
C PHE B 152 -14.46 7.56 -9.93
N ASP B 153 -14.41 8.37 -8.87
CA ASP B 153 -15.60 8.65 -8.07
C ASP B 153 -16.61 9.48 -8.85
N LYS B 154 -16.10 10.43 -9.63
CA LYS B 154 -16.93 11.23 -10.51
C LYS B 154 -17.63 10.34 -11.54
N MET B 155 -16.90 9.39 -12.12
CA MET B 155 -17.49 8.44 -13.03
C MET B 155 -18.57 7.60 -12.34
N TRP B 156 -18.26 7.13 -11.13
CA TRP B 156 -19.20 6.31 -10.38
C TRP B 156 -20.51 7.06 -10.10
N THR B 157 -20.39 8.31 -9.70
CA THR B 157 -21.58 9.11 -9.42
C THR B 157 -22.47 9.22 -10.65
N TYR B 158 -21.87 9.38 -11.83
CA TYR B 158 -22.64 9.38 -13.05
C TYR B 158 -23.25 8.00 -13.36
N MET B 159 -22.43 6.96 -13.27
CA MET B 159 -22.85 5.61 -13.65
C MET B 159 -23.96 5.09 -12.73
N ARG B 160 -23.80 5.33 -11.42
CA ARG B 160 -24.77 4.89 -10.43
C ARG B 160 -26.19 5.31 -10.75
N SER B 161 -26.36 6.49 -11.34
CA SER B 161 -27.69 7.09 -11.53
C SER B 161 -28.11 7.24 -12.98
N ALA B 162 -27.21 6.89 -13.90
CA ALA B 162 -27.48 7.04 -15.33
C ALA B 162 -28.75 6.32 -15.77
N GLU B 163 -29.48 6.93 -16.71
CA GLU B 163 -30.68 6.32 -17.29
C GLU B 163 -30.68 6.45 -18.82
N PRO B 164 -30.94 5.34 -19.52
CA PRO B 164 -31.13 4.01 -18.94
C PRO B 164 -29.82 3.41 -18.43
N SER B 165 -29.92 2.38 -17.60
CA SER B 165 -28.76 1.76 -16.99
C SER B 165 -27.59 1.61 -17.95
N VAL B 166 -26.40 1.98 -17.50
CA VAL B 166 -25.19 1.82 -18.29
C VAL B 166 -24.48 0.49 -17.98
N PHE B 167 -24.99 -0.24 -16.98
CA PHE B 167 -24.43 -1.54 -16.64
C PHE B 167 -24.99 -2.66 -17.51
N VAL B 168 -24.22 -3.73 -17.69
CA VAL B 168 -24.63 -4.84 -18.55
C VAL B 168 -24.50 -6.19 -17.86
N ARG B 169 -25.25 -7.18 -18.33
CA ARG B 169 -25.32 -8.48 -17.68
C ARG B 169 -24.14 -9.37 -18.04
N THR B 170 -23.64 -9.19 -19.25
CA THR B 170 -22.52 -9.98 -19.75
C THR B 170 -21.57 -9.08 -20.55
N THR B 171 -20.34 -9.54 -20.72
CA THR B 171 -19.36 -8.81 -21.49
C THR B 171 -19.81 -8.64 -22.94
N ALA B 172 -20.40 -9.69 -23.50
CA ALA B 172 -20.88 -9.65 -24.88
C ALA B 172 -21.90 -8.54 -25.08
N GLU B 173 -22.71 -8.29 -24.06
CA GLU B 173 -23.72 -7.23 -24.12
C GLU B 173 -23.07 -5.84 -24.13
N GLY B 174 -22.03 -5.66 -23.33
CA GLY B 174 -21.30 -4.41 -23.31
C GLY B 174 -20.65 -4.15 -24.65
N VAL B 175 -19.96 -5.16 -25.18
CA VAL B 175 -19.30 -5.05 -26.48
C VAL B 175 -20.30 -4.76 -27.62
N ALA B 176 -21.45 -5.43 -27.62
CA ALA B 176 -22.46 -5.15 -28.64
C ALA B 176 -22.96 -3.71 -28.54
N ARG B 177 -23.07 -3.21 -27.32
CA ARG B 177 -23.56 -1.86 -27.08
C ARG B 177 -22.60 -0.82 -27.61
N VAL B 178 -21.30 -1.06 -27.41
CA VAL B 178 -20.28 -0.20 -27.99
C VAL B 178 -20.42 -0.18 -29.52
N ARG B 179 -20.45 -1.36 -30.11
CA ARG B 179 -20.49 -1.52 -31.56
C ARG B 179 -21.73 -0.91 -32.19
N LYS B 180 -22.84 -0.90 -31.46
CA LYS B 180 -24.09 -0.38 -32.02
C LYS B 180 -24.38 1.07 -31.63
N SER B 181 -23.51 1.67 -30.83
CA SER B 181 -23.79 2.97 -30.23
C SER B 181 -23.40 4.16 -31.08
N LYS B 182 -22.76 3.91 -32.22
CA LYS B 182 -22.28 4.99 -33.07
C LYS B 182 -21.29 5.89 -32.35
N GLY B 183 -20.57 5.34 -31.38
CA GLY B 183 -19.58 6.09 -30.65
C GLY B 183 -20.10 6.77 -29.39
N LYS B 184 -21.37 6.51 -29.05
CA LYS B 184 -22.00 7.20 -27.92
C LYS B 184 -22.05 6.35 -26.65
N TYR B 185 -21.43 5.16 -26.71
CA TYR B 185 -21.24 4.35 -25.51
C TYR B 185 -19.81 3.87 -25.48
N ALA B 186 -19.15 4.07 -24.34
CA ALA B 186 -17.82 3.51 -24.10
C ALA B 186 -17.96 2.47 -23.00
N TYR B 187 -17.08 1.48 -22.99
CA TYR B 187 -17.23 0.37 -22.06
C TYR B 187 -15.95 0.20 -21.25
N LEU B 188 -16.11 0.16 -19.93
CA LEU B 188 -15.01 -0.08 -19.02
C LEU B 188 -14.93 -1.57 -18.74
N LEU B 189 -13.83 -2.21 -19.11
CA LEU B 189 -13.72 -3.66 -18.97
C LEU B 189 -12.29 -4.10 -18.75
N GLU B 190 -12.11 -5.35 -18.33
CA GLU B 190 -10.78 -5.84 -18.02
C GLU B 190 -9.87 -5.89 -19.28
N SER B 191 -8.60 -5.55 -19.11
CA SER B 191 -7.71 -5.25 -20.23
C SER B 191 -7.53 -6.41 -21.21
N THR B 192 -7.38 -7.62 -20.70
CA THR B 192 -7.09 -8.74 -21.57
C THR B 192 -8.28 -9.03 -22.50
N MET B 193 -9.49 -8.74 -22.05
CA MET B 193 -10.66 -8.88 -22.91
C MET B 193 -10.72 -7.78 -23.96
N ASN B 194 -10.47 -6.55 -23.53
CA ASN B 194 -10.37 -5.42 -24.44
C ASN B 194 -9.38 -5.76 -25.58
N GLU B 195 -8.20 -6.26 -25.20
CA GLU B 195 -7.17 -6.66 -26.17
C GLU B 195 -7.60 -7.80 -27.11
N TYR B 196 -8.35 -8.74 -26.56
CA TYR B 196 -8.87 -9.83 -27.38
C TYR B 196 -9.85 -9.33 -28.44
N ILE B 197 -10.84 -8.55 -28.02
CA ILE B 197 -11.89 -8.05 -28.93
C ILE B 197 -11.29 -7.17 -30.04
N GLU B 198 -10.30 -6.37 -29.66
CA GLU B 198 -9.61 -5.49 -30.60
C GLU B 198 -9.08 -6.23 -31.83
N GLN B 199 -8.79 -7.52 -31.67
CA GLN B 199 -8.26 -8.31 -32.79
C GLN B 199 -9.30 -9.27 -33.39
N ARG B 200 -10.57 -9.04 -33.08
CA ARG B 200 -11.65 -9.83 -33.67
C ARG B 200 -12.46 -8.98 -34.64
N LYS B 201 -12.91 -9.59 -35.75
CA LYS B 201 -13.86 -8.93 -36.64
C LYS B 201 -15.10 -8.54 -35.84
N PRO B 202 -15.72 -7.40 -36.19
CA PRO B 202 -15.42 -6.53 -37.33
C PRO B 202 -14.32 -5.48 -37.11
N CYS B 203 -13.44 -5.69 -36.14
CA CYS B 203 -12.29 -4.80 -35.95
C CYS B 203 -12.71 -3.34 -35.85
N ASP B 204 -13.79 -3.08 -35.12
CA ASP B 204 -14.32 -1.73 -35.02
C ASP B 204 -14.20 -1.12 -33.63
N THR B 205 -13.49 -1.79 -32.73
CA THR B 205 -13.25 -1.27 -31.39
C THR B 205 -11.76 -1.18 -31.11
N MET B 206 -11.38 -0.37 -30.13
CA MET B 206 -9.99 -0.34 -29.67
C MET B 206 -9.87 0.05 -28.20
N LYS B 207 -8.75 -0.34 -27.60
CA LYS B 207 -8.42 0.03 -26.23
C LYS B 207 -7.75 1.39 -26.26
N VAL B 208 -8.20 2.33 -25.42
CA VAL B 208 -7.51 3.61 -25.33
C VAL B 208 -7.02 3.90 -23.91
N GLY B 209 -5.83 4.49 -23.82
CA GLY B 209 -5.28 4.84 -22.53
C GLY B 209 -4.62 3.64 -21.86
N GLY B 210 -4.04 3.88 -20.69
CA GLY B 210 -3.42 2.82 -19.92
C GLY B 210 -4.45 2.20 -19.01
N ASN B 211 -4.07 1.14 -18.29
CA ASN B 211 -4.97 0.52 -17.33
C ASN B 211 -5.23 1.42 -16.12
N LEU B 212 -6.42 1.33 -15.56
CA LEU B 212 -6.82 2.15 -14.43
C LEU B 212 -6.29 1.60 -13.11
N ASP B 213 -5.99 0.30 -13.11
CA ASP B 213 -5.51 -0.36 -11.90
C ASP B 213 -4.78 -1.65 -12.28
N SER B 214 -4.26 -2.36 -11.30
CA SER B 214 -3.57 -3.62 -11.55
C SER B 214 -4.14 -4.71 -10.64
N LYS B 215 -4.30 -5.91 -11.18
CA LYS B 215 -4.95 -6.97 -10.42
C LYS B 215 -4.64 -8.29 -11.10
N GLY B 216 -5.19 -9.38 -10.57
CA GLY B 216 -4.90 -10.69 -11.08
C GLY B 216 -6.12 -11.58 -11.05
N TYR B 217 -6.16 -12.56 -11.96
CA TYR B 217 -7.10 -13.67 -11.88
C TYR B 217 -6.46 -14.83 -11.15
N GLY B 218 -7.22 -15.47 -10.25
CA GLY B 218 -6.72 -16.66 -9.58
C GLY B 218 -7.69 -17.84 -9.67
N ILE B 219 -7.17 -19.06 -9.51
CA ILE B 219 -8.00 -20.25 -9.38
C ILE B 219 -8.58 -20.27 -7.98
N ALA B 220 -9.90 -20.43 -7.86
CA ALA B 220 -10.53 -20.37 -6.54
C ALA B 220 -11.05 -21.71 -6.01
N THR B 221 -10.92 -21.91 -4.70
CA THR B 221 -11.42 -23.10 -4.02
C THR B 221 -12.16 -22.69 -2.75
N PRO B 222 -13.05 -23.56 -2.24
CA PRO B 222 -13.71 -23.30 -0.97
C PRO B 222 -12.67 -23.13 0.15
N LYS B 223 -12.97 -22.31 1.14
CA LYS B 223 -12.02 -22.12 2.23
C LYS B 223 -11.72 -23.43 2.96
N GLY B 224 -10.43 -23.73 3.13
CA GLY B 224 -10.02 -24.94 3.80
C GLY B 224 -10.00 -26.19 2.94
N SER B 225 -10.24 -26.03 1.64
CA SER B 225 -10.23 -27.15 0.71
C SER B 225 -8.87 -27.83 0.61
N SER B 226 -8.87 -29.16 0.58
CA SER B 226 -7.65 -29.95 0.45
C SER B 226 -7.04 -29.82 -0.94
N LEU B 227 -7.73 -29.10 -1.82
CA LEU B 227 -7.31 -28.94 -3.20
C LEU B 227 -6.46 -27.69 -3.38
N GLY B 228 -6.67 -26.72 -2.50
CA GLY B 228 -6.10 -25.38 -2.68
C GLY B 228 -4.59 -25.33 -2.73
N ASN B 229 -3.94 -26.08 -1.84
CA ASN B 229 -2.48 -26.09 -1.81
C ASN B 229 -1.89 -26.60 -3.11
N ALA B 230 -2.37 -27.75 -3.57
CA ALA B 230 -1.82 -28.36 -4.77
C ALA B 230 -2.08 -27.48 -5.98
N VAL B 231 -3.28 -26.92 -6.04
CA VAL B 231 -3.68 -26.06 -7.17
C VAL B 231 -2.81 -24.83 -7.26
N ASN B 232 -2.47 -24.25 -6.11
CA ASN B 232 -1.61 -23.07 -6.09
C ASN B 232 -0.22 -23.42 -6.61
N LEU B 233 0.33 -24.54 -6.14
CA LEU B 233 1.65 -24.95 -6.60
C LEU B 233 1.62 -25.27 -8.10
N ALA B 234 0.52 -25.85 -8.56
CA ALA B 234 0.37 -26.18 -9.98
C ALA B 234 0.35 -24.93 -10.87
N VAL B 235 -0.34 -23.89 -10.42
CA VAL B 235 -0.35 -22.61 -11.14
C VAL B 235 1.05 -22.00 -11.26
N LEU B 236 1.79 -22.01 -10.15
CA LEU B 236 3.17 -21.50 -10.17
C LEU B 236 4.04 -22.31 -11.11
N LYS B 237 3.92 -23.63 -11.04
CA LYS B 237 4.71 -24.50 -11.92
C LYS B 237 4.40 -24.21 -13.39
N LEU B 238 3.11 -24.14 -13.72
CA LEU B 238 2.66 -23.82 -15.08
C LEU B 238 3.18 -22.47 -15.56
N ASN B 239 3.15 -21.46 -14.69
CA ASN B 239 3.68 -20.17 -15.09
C ASN B 239 5.15 -20.28 -15.41
N GLU B 240 5.89 -20.91 -14.51
CA GLU B 240 7.34 -20.99 -14.63
C GLU B 240 7.79 -21.77 -15.86
N GLN B 241 7.00 -22.78 -16.23
CA GLN B 241 7.35 -23.60 -17.39
C GLN B 241 6.95 -22.94 -18.71
N GLY B 242 6.28 -21.80 -18.62
CA GLY B 242 5.93 -21.04 -19.80
C GLY B 242 4.58 -21.39 -20.40
N LEU B 243 3.92 -22.39 -19.83
CA LEU B 243 2.60 -22.82 -20.31
C LEU B 243 1.55 -21.70 -20.36
N LEU B 244 1.49 -20.87 -19.32
CA LEU B 244 0.54 -19.76 -19.30
C LEU B 244 0.77 -18.78 -20.46
N ASP B 245 2.04 -18.50 -20.75
CA ASP B 245 2.36 -17.64 -21.89
C ASP B 245 1.99 -18.34 -23.21
N LYS B 246 2.23 -19.65 -23.26
CA LYS B 246 1.88 -20.47 -24.41
C LYS B 246 0.37 -20.38 -24.69
N LEU B 247 -0.43 -20.59 -23.64
CA LEU B 247 -1.89 -20.51 -23.78
C LEU B 247 -2.39 -19.13 -24.20
N LYS B 248 -1.79 -18.07 -23.67
CA LYS B 248 -2.20 -16.72 -24.04
C LYS B 248 -2.00 -16.48 -25.54
N ASN B 249 -0.82 -16.84 -26.04
CA ASN B 249 -0.54 -16.63 -27.46
C ASN B 249 -1.43 -17.50 -28.35
N LYS B 250 -1.78 -18.69 -27.86
CA LYS B 250 -2.64 -19.60 -28.62
C LYS B 250 -4.02 -18.98 -28.83
N TRP B 251 -4.60 -18.46 -27.76
CA TRP B 251 -5.99 -18.01 -27.79
C TRP B 251 -6.19 -16.54 -28.13
N TRP B 252 -5.13 -15.75 -27.98
CA TRP B 252 -5.22 -14.31 -28.15
C TRP B 252 -4.77 -13.76 -29.50
N TYR B 253 -3.67 -14.29 -30.05
CA TYR B 253 -3.09 -13.67 -31.23
C TYR B 253 -2.93 -14.60 -32.41
N ASP B 254 -2.65 -15.88 -32.15
CA ASP B 254 -2.60 -16.87 -33.22
C ASP B 254 -3.95 -16.93 -33.93
N LYS B 255 -4.99 -16.46 -33.25
CA LYS B 255 -6.33 -16.47 -33.81
C LYS B 255 -6.82 -15.07 -34.19
N GLY B 256 -5.94 -14.08 -34.05
CA GLY B 256 -6.26 -12.70 -34.39
C GLY B 256 -6.83 -12.56 -35.79
N GLU B 257 -7.90 -11.79 -35.93
CA GLU B 257 -8.59 -11.63 -37.21
C GLU B 257 -8.40 -10.26 -37.87
N CYS B 258 -7.66 -9.36 -37.20
CA CYS B 258 -7.51 -7.99 -37.68
C CYS B 258 -6.07 -7.64 -38.04
N LYS C 1 6.23 10.81 48.72
CA LYS C 1 6.88 12.06 49.10
C LYS C 1 7.18 12.89 47.84
N THR C 2 8.24 12.53 47.12
CA THR C 2 8.54 13.23 45.86
C THR C 2 7.49 12.91 44.80
N VAL C 3 6.88 13.95 44.27
CA VAL C 3 5.77 13.80 43.32
C VAL C 3 6.30 13.47 41.92
N VAL C 4 5.77 12.42 41.31
CA VAL C 4 6.21 12.05 39.97
C VAL C 4 5.35 12.75 38.92
N VAL C 5 5.98 13.62 38.14
CA VAL C 5 5.30 14.41 37.14
C VAL C 5 5.47 13.78 35.76
N THR C 6 4.37 13.46 35.08
CA THR C 6 4.52 12.95 33.73
C THR C 6 4.30 14.11 32.76
N THR C 7 5.13 14.19 31.74
CA THR C 7 5.00 15.26 30.76
C THR C 7 5.49 14.73 29.42
N ILE C 8 5.47 15.58 28.39
CA ILE C 8 5.77 15.09 27.05
C ILE C 8 6.77 16.02 26.38
N LEU C 9 7.68 15.45 25.59
CA LEU C 9 8.67 16.25 24.86
C LEU C 9 8.02 16.91 23.67
N GLU C 10 7.71 18.20 23.83
CA GLU C 10 6.92 18.95 22.87
C GLU C 10 7.37 20.40 22.99
N SER C 11 8.08 20.94 21.99
CA SER C 11 8.50 22.36 22.07
C SER C 11 7.33 23.30 21.83
N PRO C 12 7.25 24.39 22.60
CA PRO C 12 8.20 24.85 23.62
C PRO C 12 7.79 24.50 25.05
N TYR C 13 6.93 23.51 25.23
CA TYR C 13 6.47 23.17 26.58
C TYR C 13 7.54 22.48 27.41
N VAL C 14 8.17 21.45 26.84
CA VAL C 14 9.27 20.75 27.51
C VAL C 14 10.33 20.38 26.49
N MET C 15 11.56 20.85 26.71
CA MET C 15 12.64 20.64 25.75
C MET C 15 13.90 20.22 26.50
N MET C 16 14.67 19.34 25.87
CA MET C 16 15.97 18.99 26.41
C MET C 16 16.92 20.15 26.12
N LYS C 17 17.54 20.69 27.18
CA LYS C 17 18.52 21.75 27.00
C LYS C 17 19.67 21.20 26.17
N LYS C 18 20.25 22.05 25.32
CA LYS C 18 21.39 21.68 24.49
C LYS C 18 22.48 20.99 25.32
N ASN C 19 22.87 19.79 24.90
CA ASN C 19 23.95 19.04 25.54
C ASN C 19 23.73 18.66 27.01
N HIS C 20 22.46 18.52 27.42
CA HIS C 20 22.16 18.10 28.79
C HIS C 20 21.72 16.64 28.90
N GLU C 21 21.83 15.89 27.79
CA GLU C 21 21.29 14.53 27.74
C GLU C 21 21.88 13.59 28.80
N MET C 22 23.10 13.88 29.22
CA MET C 22 23.83 13.02 30.14
C MET C 22 23.92 13.60 31.56
N LEU C 23 23.22 14.70 31.80
CA LEU C 23 23.09 15.21 33.16
C LEU C 23 21.92 14.52 33.84
N GLU C 24 21.55 14.98 35.02
CA GLU C 24 20.53 14.28 35.81
C GLU C 24 19.45 15.21 36.34
N GLY C 25 18.24 14.68 36.50
CA GLY C 25 17.19 15.42 37.18
C GLY C 25 16.52 16.50 36.37
N ASN C 26 15.83 17.39 37.07
CA ASN C 26 14.98 18.39 36.44
C ASN C 26 15.74 19.47 35.65
N GLU C 27 17.01 19.68 35.98
CA GLU C 27 17.78 20.75 35.35
C GLU C 27 18.02 20.48 33.87
N ARG C 28 17.82 19.25 33.43
CA ARG C 28 17.98 18.89 32.02
C ARG C 28 16.97 19.59 31.10
N TYR C 29 15.81 19.95 31.63
CA TYR C 29 14.69 20.41 30.78
C TYR C 29 14.40 21.90 30.91
N GLU C 30 13.83 22.48 29.85
CA GLU C 30 13.38 23.85 29.90
C GLU C 30 12.08 23.96 29.11
N GLY C 31 11.32 25.02 29.36
CA GLY C 31 10.12 25.26 28.57
C GLY C 31 8.96 25.75 29.41
N TYR C 32 7.86 26.07 28.73
CA TYR C 32 6.66 26.57 29.38
C TYR C 32 6.17 25.66 30.51
N CYS C 33 6.07 24.35 30.26
CA CYS C 33 5.56 23.45 31.30
C CYS C 33 6.58 23.16 32.38
N VAL C 34 7.85 23.33 32.06
CA VAL C 34 8.90 23.18 33.06
C VAL C 34 8.77 24.33 34.07
N ASP C 35 8.61 25.55 33.55
CA ASP C 35 8.38 26.71 34.41
C ASP C 35 7.06 26.58 35.18
N LEU C 36 6.02 26.13 34.49
CA LEU C 36 4.72 25.93 35.13
C LEU C 36 4.82 24.94 36.30
N ALA C 37 5.49 23.81 36.08
CA ALA C 37 5.68 22.80 37.13
C ALA C 37 6.40 23.36 38.37
N ALA C 38 7.39 24.20 38.16
CA ALA C 38 8.11 24.81 39.27
C ALA C 38 7.19 25.71 40.08
N GLU C 39 6.34 26.50 39.42
CA GLU C 39 5.39 27.37 40.11
C GLU C 39 4.34 26.57 40.87
N ILE C 40 3.76 25.57 40.22
CA ILE C 40 2.74 24.76 40.89
C ILE C 40 3.32 24.09 42.12
N ALA C 41 4.52 23.53 41.98
CA ALA C 41 5.17 22.86 43.10
C ALA C 41 5.45 23.83 44.25
N LYS C 42 5.86 25.04 43.90
CA LYS C 42 6.19 26.06 44.90
C LYS C 42 4.96 26.50 45.66
N HIS C 43 3.86 26.75 44.95
CA HIS C 43 2.60 27.13 45.59
C HIS C 43 1.93 26.02 46.41
N CYS C 44 2.09 24.78 45.99
CA CYS C 44 1.46 23.63 46.67
C CYS C 44 2.37 23.00 47.72
N GLY C 45 3.66 23.31 47.66
CA GLY C 45 4.62 22.86 48.66
C GLY C 45 5.04 21.41 48.51
N PHE C 46 5.36 21.00 47.28
CA PHE C 46 5.87 19.66 47.07
C PHE C 46 7.16 19.62 46.24
N LYS C 47 7.92 18.55 46.43
CA LYS C 47 9.11 18.29 45.62
C LYS C 47 8.69 17.33 44.52
N TYR C 48 9.38 17.38 43.38
CA TYR C 48 8.90 16.63 42.21
C TYR C 48 10.02 16.19 41.28
N LYS C 49 9.73 15.16 40.49
CA LYS C 49 10.64 14.66 39.49
C LYS C 49 9.91 14.71 38.15
N LEU C 50 10.49 15.42 37.19
CA LEU C 50 9.95 15.45 35.83
C LEU C 50 10.33 14.17 35.10
N THR C 51 9.33 13.49 34.55
CA THR C 51 9.57 12.30 33.75
C THR C 51 8.81 12.38 32.43
N ILE C 52 9.44 11.93 31.36
CA ILE C 52 8.81 11.95 30.05
C ILE C 52 8.01 10.68 29.84
N VAL C 53 6.75 10.84 29.44
CA VAL C 53 5.85 9.72 29.21
C VAL C 53 6.49 8.64 28.32
N GLY C 54 6.39 7.39 28.78
CA GLY C 54 7.12 6.30 28.17
C GLY C 54 6.82 6.03 26.71
N ASP C 55 5.55 6.08 26.33
CA ASP C 55 5.16 5.80 24.95
C ASP C 55 5.04 7.07 24.10
N GLY C 56 5.41 8.21 24.68
CA GLY C 56 5.40 9.49 23.97
C GLY C 56 4.04 10.00 23.52
N LYS C 57 2.97 9.52 24.13
CA LYS C 57 1.61 9.88 23.72
C LYS C 57 0.83 10.68 24.76
N TYR C 58 -0.19 11.39 24.28
CA TYR C 58 -1.04 12.20 25.15
C TYR C 58 -1.99 11.28 25.89
N GLY C 59 -2.68 10.44 25.14
CA GLY C 59 -3.52 9.44 25.76
C GLY C 59 -4.81 9.18 25.01
N CYS C 60 -5.07 7.91 24.73
CA CYS C 60 -6.32 7.50 24.11
C CYS C 60 -6.64 6.08 24.60
N ARG C 61 -7.87 5.65 24.43
CA ARG C 61 -8.26 4.33 24.90
C ARG C 61 -8.34 3.34 23.74
N ASP C 62 -7.70 2.19 23.90
CA ASP C 62 -7.83 1.11 22.92
C ASP C 62 -9.28 0.61 22.95
N ALA C 63 -9.94 0.65 21.79
CA ALA C 63 -11.36 0.28 21.70
C ALA C 63 -11.63 -1.15 22.19
N ASP C 64 -10.79 -2.09 21.78
CA ASP C 64 -10.95 -3.49 22.16
C ASP C 64 -10.62 -3.71 23.64
N THR C 65 -9.38 -3.38 24.01
CA THR C 65 -8.91 -3.67 25.35
C THR C 65 -9.32 -2.63 26.39
N LYS C 66 -9.79 -1.47 25.93
CA LYS C 66 -10.29 -0.43 26.84
C LYS C 66 -9.17 0.16 27.71
N ILE C 67 -7.92 -0.16 27.37
CA ILE C 67 -6.78 0.30 28.14
C ILE C 67 -6.35 1.70 27.68
N TRP C 68 -6.18 2.60 28.65
CA TRP C 68 -5.71 3.95 28.38
C TRP C 68 -4.20 3.95 28.23
N ASN C 69 -3.68 4.69 27.25
CA ASN C 69 -2.25 4.81 27.10
C ASN C 69 -1.81 6.24 27.35
N GLY C 70 -0.54 6.54 27.06
CA GLY C 70 -0.02 7.89 27.16
C GLY C 70 0.01 8.43 28.58
N MET C 71 -0.02 9.75 28.71
CA MET C 71 0.02 10.39 30.03
C MET C 71 -1.25 10.08 30.81
N VAL C 72 -2.38 10.00 30.11
CA VAL C 72 -3.62 9.67 30.80
C VAL C 72 -3.45 8.30 31.44
N GLY C 73 -2.92 7.36 30.69
CA GLY C 73 -2.68 6.01 31.21
C GLY C 73 -1.75 5.99 32.41
N GLU C 74 -0.67 6.77 32.36
CA GLU C 74 0.25 6.81 33.50
C GLU C 74 -0.47 7.24 34.79
N LEU C 75 -1.39 8.19 34.68
CA LEU C 75 -2.16 8.60 35.85
C LEU C 75 -3.17 7.52 36.25
N VAL C 76 -3.87 6.95 35.26
CA VAL C 76 -4.94 5.98 35.54
C VAL C 76 -4.40 4.74 36.27
N TYR C 77 -3.23 4.26 35.84
CA TYR C 77 -2.62 3.05 36.41
C TYR C 77 -1.64 3.28 37.56
N GLY C 78 -1.48 4.54 37.96
CA GLY C 78 -0.68 4.86 39.14
C GLY C 78 0.82 5.02 38.92
N LYS C 79 1.23 5.16 37.66
CA LYS C 79 2.64 5.33 37.33
C LYS C 79 3.15 6.77 37.53
N ALA C 80 2.22 7.72 37.54
CA ALA C 80 2.57 9.12 37.82
C ALA C 80 1.53 9.75 38.74
N ASP C 81 1.94 10.81 39.44
CA ASP C 81 1.09 11.50 40.40
C ASP C 81 0.36 12.71 39.82
N ILE C 82 0.90 13.28 38.76
CA ILE C 82 0.33 14.48 38.14
C ILE C 82 0.87 14.59 36.71
N ALA C 83 0.05 15.10 35.79
CA ALA C 83 0.47 15.38 34.42
C ALA C 83 0.53 16.89 34.19
N ILE C 84 1.67 17.40 33.74
CA ILE C 84 1.80 18.84 33.50
C ILE C 84 2.31 18.98 32.09
N ALA C 85 1.39 19.27 31.18
CA ALA C 85 1.65 19.14 29.76
C ALA C 85 0.53 19.85 29.00
N PRO C 86 0.69 20.03 27.68
CA PRO C 86 -0.40 20.57 26.84
C PRO C 86 -1.48 19.50 26.66
N LEU C 87 -2.16 19.19 27.77
CA LEU C 87 -3.11 18.09 27.82
C LEU C 87 -4.53 18.62 27.82
N THR C 88 -5.28 18.27 26.78
CA THR C 88 -6.63 18.77 26.60
C THR C 88 -7.65 18.19 27.57
N ILE C 89 -8.44 19.09 28.17
CA ILE C 89 -9.56 18.70 29.01
C ILE C 89 -10.68 18.18 28.13
N THR C 90 -11.02 16.90 28.28
CA THR C 90 -12.14 16.36 27.52
C THR C 90 -13.06 15.54 28.42
N LEU C 91 -14.29 15.36 27.95
CA LEU C 91 -15.31 14.62 28.67
C LEU C 91 -14.88 13.18 28.98
N VAL C 92 -14.42 12.46 27.97
CA VAL C 92 -14.06 11.05 28.19
C VAL C 92 -12.89 10.90 29.15
N ARG C 93 -11.99 11.89 29.17
CA ARG C 93 -10.88 11.85 30.12
C ARG C 93 -11.33 12.20 31.52
N GLU C 94 -12.19 13.20 31.66
CA GLU C 94 -12.61 13.64 33.00
C GLU C 94 -13.40 12.53 33.70
N GLU C 95 -13.82 11.53 32.93
CA GLU C 95 -14.46 10.36 33.50
C GLU C 95 -13.48 9.41 34.21
N VAL C 96 -12.19 9.48 33.86
CA VAL C 96 -11.18 8.63 34.51
C VAL C 96 -10.08 9.35 35.29
N ILE C 97 -9.85 10.63 34.98
CA ILE C 97 -8.87 11.43 35.73
C ILE C 97 -9.52 12.77 36.09
N ASP C 98 -8.83 13.57 36.91
CA ASP C 98 -9.30 14.91 37.28
C ASP C 98 -8.47 15.99 36.58
N PHE C 99 -9.10 17.11 36.23
CA PHE C 99 -8.39 18.21 35.60
C PHE C 99 -8.55 19.47 36.43
N SER C 100 -7.51 20.30 36.47
CA SER C 100 -7.66 21.65 36.98
C SER C 100 -8.50 22.45 36.00
N LYS C 101 -8.94 23.64 36.41
CA LYS C 101 -9.40 24.65 35.46
C LYS C 101 -8.27 24.90 34.44
N PRO C 102 -8.60 25.35 33.22
CA PRO C 102 -7.57 25.48 32.18
C PRO C 102 -6.48 26.48 32.50
N PHE C 103 -5.24 26.16 32.13
CA PHE C 103 -4.16 27.15 32.21
C PHE C 103 -3.90 27.78 30.85
N MET C 104 -4.54 27.25 29.81
CA MET C 104 -4.41 27.82 28.47
C MET C 104 -5.69 27.53 27.67
N SER C 105 -6.16 28.54 26.93
CA SER C 105 -7.31 28.35 26.03
C SER C 105 -6.84 28.29 24.59
N LEU C 106 -7.46 27.43 23.78
CA LEU C 106 -7.03 27.28 22.39
C LEU C 106 -8.11 26.58 21.57
N GLY C 107 -7.82 26.30 20.30
CA GLY C 107 -8.75 25.57 19.45
C GLY C 107 -8.01 24.90 18.31
N ILE C 108 -8.69 24.03 17.57
CA ILE C 108 -8.06 23.38 16.44
C ILE C 108 -7.94 24.40 15.30
N SER C 109 -6.83 24.36 14.57
CA SER C 109 -6.57 25.35 13.50
C SER C 109 -5.86 24.67 12.34
N ILE C 110 -5.69 25.38 11.24
CA ILE C 110 -5.08 24.80 10.04
C ILE C 110 -3.69 25.40 9.79
N MET C 111 -2.70 24.53 9.63
CA MET C 111 -1.35 24.97 9.24
C MET C 111 -1.09 24.62 7.79
N ILE C 112 -0.62 25.60 7.01
CA ILE C 112 -0.25 25.34 5.61
C ILE C 112 1.18 25.75 5.34
N LYS C 113 1.76 25.18 4.30
CA LYS C 113 2.99 25.71 3.74
C LYS C 113 2.62 27.01 3.02
N LYS C 114 3.41 28.05 3.17
CA LYS C 114 3.08 29.35 2.57
C LYS C 114 2.82 29.19 1.08
N GLY C 115 1.75 29.81 0.59
CA GLY C 115 1.39 29.71 -0.81
C GLY C 115 0.33 28.66 -1.14
N THR C 116 0.04 27.77 -0.19
CA THR C 116 -1.00 26.76 -0.39
C THR C 116 -2.36 27.42 -0.57
N PRO C 117 -3.11 27.04 -1.61
CA PRO C 117 -4.39 27.70 -1.90
C PRO C 117 -5.53 27.15 -1.03
N ILE C 118 -5.44 27.40 0.26
CA ILE C 118 -6.43 26.99 1.25
C ILE C 118 -6.59 28.11 2.28
N GLU C 119 -7.83 28.45 2.62
CA GLU C 119 -8.10 29.50 3.59
C GLU C 119 -8.99 29.02 4.74
N SER C 120 -9.53 27.80 4.63
CA SER C 120 -10.54 27.35 5.60
C SER C 120 -10.72 25.84 5.60
N ALA C 121 -11.36 25.31 6.63
CA ALA C 121 -11.72 23.90 6.68
C ALA C 121 -12.64 23.57 5.50
N GLU C 122 -13.54 24.49 5.20
CA GLU C 122 -14.43 24.31 4.07
C GLU C 122 -13.61 24.12 2.80
N ASP C 123 -12.56 24.93 2.63
CA ASP C 123 -11.68 24.79 1.48
C ASP C 123 -11.05 23.41 1.40
N LEU C 124 -10.56 22.89 2.52
CA LEU C 124 -9.95 21.57 2.54
C LEU C 124 -10.96 20.49 2.13
N SER C 125 -12.18 20.59 2.66
CA SER C 125 -13.20 19.56 2.48
C SER C 125 -13.74 19.45 1.07
N LYS C 126 -13.62 20.51 0.28
CA LYS C 126 -14.16 20.55 -1.08
C LYS C 126 -13.13 20.25 -2.17
N GLN C 127 -11.98 19.73 -1.77
CA GLN C 127 -10.95 19.40 -2.77
C GLN C 127 -10.21 18.12 -2.39
N THR C 128 -9.43 17.59 -3.32
CA THR C 128 -8.72 16.34 -3.06
C THR C 128 -7.23 16.35 -3.41
N GLU C 129 -6.75 17.45 -3.98
CA GLU C 129 -5.34 17.56 -4.38
C GLU C 129 -4.42 17.68 -3.16
N ILE C 130 -4.89 18.39 -2.16
CA ILE C 130 -4.11 18.63 -0.95
C ILE C 130 -4.60 17.68 0.15
N ALA C 131 -3.72 16.82 0.62
CA ALA C 131 -4.06 15.92 1.71
C ALA C 131 -4.00 16.69 3.04
N TYR C 132 -4.62 16.14 4.08
CA TYR C 132 -4.56 16.79 5.39
C TYR C 132 -4.87 15.75 6.44
N GLY C 133 -4.31 15.96 7.64
CA GLY C 133 -4.41 14.99 8.71
C GLY C 133 -4.19 15.66 10.06
N THR C 134 -4.11 14.85 11.11
CA THR C 134 -3.99 15.31 12.48
C THR C 134 -3.00 14.44 13.21
N LEU C 135 -2.66 14.85 14.42
CA LEU C 135 -1.90 14.00 15.33
C LEU C 135 -2.73 12.75 15.67
N ASP C 136 -2.09 11.60 15.69
CA ASP C 136 -2.72 10.35 16.13
C ASP C 136 -2.84 10.34 17.66
N CYS C 137 -3.88 9.71 18.20
CA CYS C 137 -4.01 9.51 19.64
C CYS C 137 -4.10 10.79 20.50
N GLY C 138 -5.01 11.68 20.14
CA GLY C 138 -5.22 12.85 20.96
C GLY C 138 -6.58 13.44 20.68
N SER C 139 -6.84 14.62 21.26
CA SER C 139 -8.14 15.24 21.17
C SER C 139 -8.49 15.75 19.77
N THR C 140 -7.50 16.14 18.98
CA THR C 140 -7.81 16.65 17.64
C THR C 140 -8.40 15.56 16.75
N LYS C 141 -7.80 14.38 16.78
CA LYS C 141 -8.33 13.28 15.98
C LYS C 141 -9.74 12.95 16.46
N GLU C 142 -9.91 12.88 17.77
CA GLU C 142 -11.21 12.59 18.33
C GLU C 142 -12.28 13.61 17.96
N PHE C 143 -11.92 14.90 17.94
CA PHE C 143 -12.84 15.94 17.48
C PHE C 143 -13.44 15.61 16.12
N PHE C 144 -12.59 15.24 15.17
CA PHE C 144 -13.08 14.92 13.83
C PHE C 144 -13.91 13.65 13.82
N ARG C 145 -13.46 12.63 14.54
CA ARG C 145 -14.21 11.36 14.62
C ARG C 145 -15.63 11.55 15.14
N ARG C 146 -15.80 12.40 16.15
CA ARG C 146 -17.09 12.58 16.81
C ARG C 146 -17.98 13.66 16.18
N SER C 147 -17.41 14.52 15.34
CA SER C 147 -18.17 15.69 14.87
C SER C 147 -19.37 15.35 13.98
N LYS C 148 -20.47 16.06 14.23
CA LYS C 148 -21.68 15.97 13.42
C LYS C 148 -21.79 17.17 12.50
N ILE C 149 -20.87 18.12 12.63
CA ILE C 149 -20.90 19.29 11.75
C ILE C 149 -20.55 18.86 10.33
N ALA C 150 -21.37 19.24 9.36
CA ALA C 150 -21.24 18.77 7.98
C ALA C 150 -19.81 18.82 7.42
N VAL C 151 -19.16 19.98 7.51
CA VAL C 151 -17.81 20.11 6.97
C VAL C 151 -16.80 19.18 7.66
N PHE C 152 -16.84 19.13 8.99
CA PHE C 152 -15.89 18.32 9.73
C PHE C 152 -16.12 16.81 9.58
N ASP C 153 -17.38 16.41 9.43
CA ASP C 153 -17.71 15.00 9.21
C ASP C 153 -17.21 14.56 7.83
N LYS C 154 -17.28 15.47 6.87
CA LYS C 154 -16.79 15.21 5.52
C LYS C 154 -15.27 15.09 5.53
N MET C 155 -14.63 15.93 6.33
CA MET C 155 -13.18 15.83 6.48
C MET C 155 -12.79 14.49 7.12
N TRP C 156 -13.50 14.09 8.17
CA TRP C 156 -13.22 12.82 8.84
C TRP C 156 -13.41 11.65 7.88
N THR C 157 -14.46 11.71 7.09
CA THR C 157 -14.73 10.62 6.16
C THR C 157 -13.54 10.44 5.22
N TYR C 158 -12.95 11.55 4.77
CA TYR C 158 -11.75 11.49 3.95
C TYR C 158 -10.52 10.99 4.73
N MET C 159 -10.26 11.61 5.89
CA MET C 159 -9.05 11.28 6.64
C MET C 159 -9.00 9.84 7.12
N ARG C 160 -10.12 9.31 7.60
CA ARG C 160 -10.13 7.97 8.21
C ARG C 160 -9.68 6.88 7.26
N SER C 161 -9.91 7.05 5.96
CA SER C 161 -9.58 5.99 5.00
C SER C 161 -8.49 6.39 4.00
N ALA C 162 -7.88 7.55 4.21
CA ALA C 162 -6.87 8.05 3.28
C ALA C 162 -5.61 7.18 3.30
N GLU C 163 -5.03 6.98 2.12
CA GLU C 163 -3.77 6.22 2.01
C GLU C 163 -2.75 6.99 1.18
N PRO C 164 -1.51 7.07 1.65
CA PRO C 164 -1.06 6.54 2.95
C PRO C 164 -1.71 7.32 4.10
N SER C 165 -1.55 6.83 5.33
CA SER C 165 -2.12 7.47 6.51
C SER C 165 -1.82 8.97 6.56
N VAL C 166 -2.84 9.78 6.81
CA VAL C 166 -2.65 11.21 6.96
C VAL C 166 -2.35 11.58 8.42
N PHE C 167 -2.39 10.58 9.32
CA PHE C 167 -2.14 10.83 10.74
C PHE C 167 -0.65 10.70 11.06
N VAL C 168 -0.19 11.42 12.09
CA VAL C 168 1.23 11.41 12.43
C VAL C 168 1.44 11.08 13.88
N ARG C 169 2.65 10.63 14.19
CA ARG C 169 2.97 10.16 15.54
C ARG C 169 3.26 11.29 16.52
N THR C 170 3.87 12.35 16.02
CA THR C 170 4.22 13.51 16.84
C THR C 170 4.00 14.80 16.07
N THR C 171 3.88 15.90 16.81
CA THR C 171 3.67 17.21 16.21
C THR C 171 4.81 17.53 15.25
N ALA C 172 6.04 17.23 15.66
CA ALA C 172 7.22 17.47 14.82
C ALA C 172 7.10 16.76 13.46
N GLU C 173 6.55 15.54 13.47
CA GLU C 173 6.35 14.80 12.24
C GLU C 173 5.30 15.47 11.31
N GLY C 174 4.23 16.01 11.89
CA GLY C 174 3.20 16.66 11.09
C GLY C 174 3.75 17.93 10.46
N VAL C 175 4.51 18.68 11.25
CA VAL C 175 5.12 19.91 10.76
C VAL C 175 6.13 19.64 9.64
N ALA C 176 7.01 18.67 9.83
CA ALA C 176 7.97 18.30 8.80
C ALA C 176 7.24 17.88 7.52
N ARG C 177 6.12 17.17 7.68
CA ARG C 177 5.35 16.71 6.53
C ARG C 177 4.78 17.88 5.74
N VAL C 178 4.30 18.92 6.43
CA VAL C 178 3.86 20.13 5.75
C VAL C 178 5.04 20.78 5.00
N ARG C 179 6.16 20.95 5.69
CA ARG C 179 7.31 21.63 5.11
C ARG C 179 7.89 20.92 3.89
N LYS C 180 7.84 19.59 3.88
CA LYS C 180 8.39 18.79 2.80
C LYS C 180 7.43 18.55 1.64
N SER C 181 6.17 18.95 1.83
CA SER C 181 5.06 18.57 0.94
C SER C 181 4.90 19.36 -0.36
N LYS C 182 5.63 20.45 -0.53
CA LYS C 182 5.41 21.34 -1.67
C LYS C 182 3.96 21.88 -1.68
N GLY C 183 3.34 21.94 -0.51
CA GLY C 183 2.00 22.45 -0.37
C GLY C 183 0.90 21.42 -0.53
N LYS C 184 1.28 20.16 -0.68
CA LYS C 184 0.31 19.10 -0.91
C LYS C 184 -0.15 18.39 0.36
N TYR C 185 0.34 18.86 1.52
CA TYR C 185 -0.18 18.41 2.81
C TYR C 185 -0.40 19.60 3.72
N ALA C 186 -1.58 19.67 4.32
CA ALA C 186 -1.90 20.66 5.34
C ALA C 186 -2.17 19.93 6.65
N TYR C 187 -1.92 20.59 7.77
CA TYR C 187 -1.96 19.90 9.05
C TYR C 187 -2.94 20.59 10.00
N LEU C 188 -3.86 19.80 10.56
CA LEU C 188 -4.80 20.31 11.56
C LEU C 188 -4.20 20.08 12.94
N LEU C 189 -4.01 21.17 13.69
CA LEU C 189 -3.32 21.09 14.96
C LEU C 189 -3.76 22.20 15.89
N GLU C 190 -3.44 22.04 17.17
CA GLU C 190 -3.88 23.01 18.15
C GLU C 190 -3.23 24.39 17.90
N SER C 191 -4.04 25.46 18.06
CA SER C 191 -3.69 26.80 17.61
C SER C 191 -2.44 27.40 18.24
N THR C 192 -2.20 27.13 19.51
CA THR C 192 -1.01 27.70 20.14
C THR C 192 0.29 27.11 19.59
N MET C 193 0.26 25.84 19.18
CA MET C 193 1.40 25.26 18.46
C MET C 193 1.54 25.83 17.04
N ASN C 194 0.42 25.99 16.35
CA ASN C 194 0.44 26.59 15.01
C ASN C 194 1.09 27.98 15.13
N GLU C 195 0.65 28.73 16.14
CA GLU C 195 1.15 30.09 16.32
C GLU C 195 2.63 30.09 16.67
N TYR C 196 3.07 29.11 17.44
CA TYR C 196 4.48 28.99 17.76
C TYR C 196 5.35 28.72 16.53
N ILE C 197 4.95 27.73 15.73
CA ILE C 197 5.73 27.27 14.59
C ILE C 197 5.84 28.38 13.55
N GLU C 198 4.76 29.13 13.41
CA GLU C 198 4.70 30.26 12.49
C GLU C 198 5.83 31.27 12.73
N GLN C 199 6.35 31.32 13.95
CA GLN C 199 7.44 32.24 14.28
C GLN C 199 8.78 31.54 14.46
N ARG C 200 8.90 30.32 13.94
CA ARG C 200 10.16 29.57 14.00
C ARG C 200 10.72 29.47 12.60
N LYS C 201 12.04 29.60 12.48
CA LYS C 201 12.69 29.33 11.21
C LYS C 201 12.38 27.90 10.80
N PRO C 202 12.29 27.66 9.49
CA PRO C 202 12.54 28.62 8.41
C PRO C 202 11.36 29.49 7.99
N CYS C 203 10.37 29.69 8.85
CA CYS C 203 9.33 30.67 8.56
C CYS C 203 8.59 30.36 7.28
N ASP C 204 8.25 29.08 7.08
CA ASP C 204 7.65 28.68 5.82
C ASP C 204 6.24 28.13 5.99
N THR C 205 5.68 28.26 7.19
CA THR C 205 4.31 27.83 7.43
C THR C 205 3.47 28.96 7.97
N MET C 206 2.16 28.84 7.83
CA MET C 206 1.29 29.81 8.48
C MET C 206 -0.06 29.23 8.88
N LYS C 207 -0.67 29.89 9.85
CA LYS C 207 -2.01 29.57 10.28
C LYS C 207 -3.02 30.24 9.35
N VAL C 208 -4.00 29.50 8.87
CA VAL C 208 -5.07 30.10 8.08
C VAL C 208 -6.44 29.85 8.69
N GLY C 209 -7.34 30.81 8.55
CA GLY C 209 -8.69 30.68 9.06
C GLY C 209 -8.79 30.87 10.56
N GLY C 210 -10.01 30.77 11.07
CA GLY C 210 -10.24 30.88 12.50
C GLY C 210 -10.13 29.49 13.11
N ASN C 211 -10.23 29.42 14.43
CA ASN C 211 -10.24 28.13 15.13
C ASN C 211 -11.52 27.36 14.87
N LEU C 212 -11.43 26.04 14.79
CA LEU C 212 -12.58 25.18 14.51
C LEU C 212 -13.41 24.90 15.77
N ASP C 213 -12.77 25.02 16.92
CA ASP C 213 -13.45 24.81 18.19
C ASP C 213 -12.79 25.61 19.30
N SER C 214 -13.29 25.48 20.52
CA SER C 214 -12.66 26.14 21.67
C SER C 214 -12.49 25.14 22.79
N LYS C 215 -11.33 25.13 23.42
CA LYS C 215 -11.10 24.19 24.51
C LYS C 215 -9.96 24.68 25.40
N GLY C 216 -9.56 23.86 26.37
CA GLY C 216 -8.51 24.27 27.30
C GLY C 216 -7.53 23.16 27.65
N TYR C 217 -6.32 23.55 28.05
CA TYR C 217 -5.38 22.59 28.60
C TYR C 217 -5.49 22.64 30.13
N GLY C 218 -5.46 21.49 30.77
CA GLY C 218 -5.52 21.46 32.22
C GLY C 218 -4.46 20.56 32.83
N ILE C 219 -4.12 20.81 34.09
CA ILE C 219 -3.24 19.95 34.86
C ILE C 219 -4.06 18.78 35.38
N ALA C 220 -3.61 17.56 35.12
CA ALA C 220 -4.40 16.38 35.44
C ALA C 220 -3.80 15.59 36.59
N THR C 221 -4.68 15.00 37.40
CA THR C 221 -4.28 14.15 38.51
C THR C 221 -5.21 12.92 38.54
N PRO C 222 -4.76 11.82 39.16
CA PRO C 222 -5.61 10.64 39.29
C PRO C 222 -6.85 10.96 40.12
N LYS C 223 -7.96 10.26 39.88
CA LYS C 223 -9.15 10.49 40.69
C LYS C 223 -8.87 10.30 42.17
N GLY C 224 -9.38 11.19 43.00
CA GLY C 224 -9.21 11.09 44.44
C GLY C 224 -7.82 11.44 44.95
N SER C 225 -7.01 12.05 44.11
CA SER C 225 -5.67 12.44 44.53
C SER C 225 -5.76 13.52 45.61
N SER C 226 -4.83 13.51 46.56
CA SER C 226 -4.79 14.57 47.57
C SER C 226 -4.22 15.88 46.98
N LEU C 227 -3.80 15.82 45.72
CA LEU C 227 -3.15 16.94 45.07
C LEU C 227 -4.16 17.78 44.28
N GLY C 228 -5.27 17.16 43.88
CA GLY C 228 -6.25 17.80 43.01
C GLY C 228 -6.73 19.19 43.41
N ASN C 229 -7.30 19.30 44.60
CA ASN C 229 -7.83 20.60 45.03
C ASN C 229 -6.80 21.72 45.04
N ALA C 230 -5.63 21.43 45.62
CA ALA C 230 -4.58 22.44 45.73
C ALA C 230 -4.03 22.86 44.36
N VAL C 231 -3.91 21.88 43.45
CA VAL C 231 -3.42 22.15 42.11
C VAL C 231 -4.37 23.08 41.38
N ASN C 232 -5.66 22.84 41.53
CA ASN C 232 -6.68 23.68 40.93
C ASN C 232 -6.59 25.13 41.43
N LEU C 233 -6.57 25.31 42.75
CA LEU C 233 -6.43 26.65 43.31
C LEU C 233 -5.14 27.31 42.84
N ALA C 234 -4.07 26.54 42.71
CA ALA C 234 -2.79 27.05 42.22
C ALA C 234 -2.90 27.61 40.80
N VAL C 235 -3.55 26.87 39.92
CA VAL C 235 -3.70 27.33 38.54
C VAL C 235 -4.47 28.65 38.48
N LEU C 236 -5.53 28.76 39.27
CA LEU C 236 -6.30 30.00 39.28
C LEU C 236 -5.45 31.16 39.80
N LYS C 237 -4.65 30.92 40.81
CA LYS C 237 -3.76 31.96 41.35
C LYS C 237 -2.73 32.39 40.31
N LEU C 238 -2.11 31.42 39.65
CA LEU C 238 -1.13 31.73 38.62
C LEU C 238 -1.74 32.61 37.53
N ASN C 239 -2.96 32.29 37.12
CA ASN C 239 -3.58 33.11 36.08
C ASN C 239 -3.81 34.54 36.54
N GLU C 240 -4.41 34.68 37.72
CA GLU C 240 -4.76 36.00 38.23
C GLU C 240 -3.55 36.85 38.56
N GLN C 241 -2.43 36.21 38.88
CA GLN C 241 -1.19 36.95 39.19
C GLN C 241 -0.40 37.29 37.93
N GLY C 242 -0.94 36.93 36.78
CA GLY C 242 -0.33 37.26 35.51
C GLY C 242 0.78 36.31 35.08
N LEU C 243 1.03 35.28 35.87
CA LEU C 243 2.16 34.38 35.58
C LEU C 243 1.99 33.64 34.26
N LEU C 244 0.80 33.10 34.00
CA LEU C 244 0.58 32.35 32.78
C LEU C 244 0.81 33.20 31.53
N ASP C 245 0.37 34.46 31.57
CA ASP C 245 0.63 35.40 30.46
C ASP C 245 2.12 35.70 30.33
N LYS C 246 2.81 35.81 31.45
CA LYS C 246 4.28 35.98 31.44
C LYS C 246 4.98 34.80 30.76
N LEU C 247 4.59 33.59 31.15
CA LEU C 247 5.18 32.40 30.53
C LEU C 247 4.90 32.32 29.03
N LYS C 248 3.73 32.74 28.60
CA LYS C 248 3.40 32.69 27.18
C LYS C 248 4.32 33.64 26.39
N ASN C 249 4.46 34.85 26.91
CA ASN C 249 5.34 35.85 26.30
C ASN C 249 6.79 35.39 26.27
N LYS C 250 7.21 34.70 27.32
CA LYS C 250 8.58 34.20 27.40
C LYS C 250 8.90 33.14 26.36
N TRP C 251 7.97 32.21 26.11
CA TRP C 251 8.30 31.05 25.30
C TRP C 251 7.83 31.15 23.86
N TRP C 252 6.90 32.07 23.61
CA TRP C 252 6.38 32.26 22.25
C TRP C 252 7.02 33.47 21.60
N TYR C 253 6.72 34.65 22.15
CA TYR C 253 7.00 35.88 21.43
C TYR C 253 8.38 36.49 21.69
N ASP C 254 8.90 36.34 22.91
CA ASP C 254 10.26 36.80 23.21
C ASP C 254 11.26 36.00 22.39
N LYS C 255 10.82 34.85 21.90
CA LYS C 255 11.70 33.92 21.20
C LYS C 255 11.42 33.78 19.69
N GLY C 256 10.51 34.59 19.17
CA GLY C 256 10.20 34.54 17.75
C GLY C 256 11.42 34.77 16.87
N GLU C 257 11.50 34.03 15.77
CA GLU C 257 12.64 34.08 14.84
C GLU C 257 12.26 34.64 13.46
N CYS C 258 11.01 35.07 13.30
CA CYS C 258 10.46 35.38 11.98
C CYS C 258 10.00 36.84 11.84
N1 IWD D . 16.21 -10.05 -8.16
C2 IWD D . 16.55 -10.71 -9.34
O2 IWD D . 16.64 -11.89 -9.39
N3 IWD D . 16.83 -9.92 -10.48
C4 IWD D . 16.71 -8.52 -10.39
O4 IWD D . 16.98 -7.92 -11.62
C5 IWD D . 16.33 -7.80 -9.18
I5 IWD D . 16.03 -5.69 -8.75
C6 IWD D . 16.09 -8.64 -8.09
C7 IWD D . 15.85 -10.85 -7.02
C8 IWD D . 14.40 -11.35 -7.10
N8 IWD D . 13.43 -10.31 -6.97
C9 IWD D . 14.22 -12.52 -6.14
O91 IWD D . 13.42 -12.50 -5.25
O92 IWD D . 15.22 -13.47 -6.20
ZN ZN E . 25.93 5.62 5.06
ZN ZN F . -3.18 3.16 5.98
N1 IWD G . -15.37 -9.13 -14.89
C2 IWD G . -15.51 -7.78 -14.59
O2 IWD G . -15.81 -7.44 -13.49
N3 IWD G . -15.28 -6.83 -15.62
C4 IWD G . -14.89 -7.29 -16.89
O4 IWD G . -14.69 -6.32 -17.87
C5 IWD G . -14.71 -8.69 -17.18
I5 IWD G . -14.09 -9.59 -19.01
C6 IWD G . -14.95 -9.58 -16.16
C7 IWD G . -15.54 -10.10 -13.84
C8 IWD G . -14.29 -10.18 -12.97
N8 IWD G . -13.14 -10.72 -13.65
C9 IWD G . -14.63 -10.82 -11.63
O91 IWD G . -14.07 -11.78 -11.25
O92 IWD G . -15.67 -10.25 -10.92
ZN ZN H . -26.28 -26.64 -29.53
ZN ZN I . 1.99 -29.68 -18.11
N1 IWD J . -2.66 17.20 20.74
C2 IWD J . -3.55 17.02 19.69
O2 IWD J . -4.45 16.23 19.78
N3 IWD J . -3.40 17.79 18.53
C4 IWD J . -2.36 18.72 18.46
O4 IWD J . -2.25 19.47 17.32
C5 IWD J . -1.46 18.89 19.56
I5 IWD J . 0.15 20.29 19.65
C6 IWD J . -1.61 18.14 20.70
C7 IWD J . -2.86 16.47 21.98
C8 IWD J . -3.93 17.13 22.86
N8 IWD J . -3.52 18.40 23.41
C9 IWD J . -4.44 16.12 23.86
O91 IWD J . -4.28 16.27 25.02
O92 IWD J . -4.78 14.89 23.34
ZN ZN K . 3.64 32.59 41.55
#